data_2VW1
#
_entry.id   2VW1
#
_cell.length_a   76.597
_cell.length_b   82.699
_cell.length_c   117.423
_cell.angle_alpha   90.00
_cell.angle_beta   90.00
_cell.angle_gamma   90.00
#
_symmetry.space_group_name_H-M   'P 21 21 21'
#
loop_
_entity.id
_entity.type
_entity.pdbx_description
1 polymer 'SIALIDASE B'
2 non-polymer '2-DEOXY-2,3-DEHYDRO-N-ACETYL-NEURAMINIC ACID'
3 non-polymer GLYCEROL
4 water water
#
_entity_poly.entity_id   1
_entity_poly.type   'polypeptide(L)'
_entity_poly.pdbx_seq_one_letter_code
;MNKRGLYSKLGISVVGISLLMGVPTLIHANELNYGQLSISPIFQGGSYQLNNKSIDISSLLLDKLSGESQTVVMKFKADK
PNSLQALFGLSNSKAGFKNNYFSIFMRDSGEIGVEIRDAQKGINYLFSRPASLWGKHKGQAVENTLVFVSDSKDKTYTMY
VNGIEVFSETVDTFLPISNINGIDKATLGAVNREGKEHYLAKGSIDEISLFNKAISDQEVSTIPLSNPFQLIFQSGDSTQ
ANYFRIPTLYTLSSGRVLSSIDARYGGTHDSKSKINIATSYSDDNGKTWSEPIFAMKFNDYEEQLVYWPRDNKLKNSQIS
GSASFIDSSIVEDKKSGKTILLADVMPAGIGNNNANKADSGFKEINGHYYLKLKKNGDNDFRYTVRENGVVYNETTNKPT
NYTINDKYEVLEGGKSLTVEQYSVDFDSGSLRERHNGKQVPMNVFYKDSLFKVTPTNYIAMTTSQNRGESWEQFKLLPPF
LGEKHNGTYLCPGQGLALKSSNRLIFATYTSGELTYLISDDSGQTWKKSSASIPFKNATAEAQMVELRDGVIRTFFRTTT
GKIAYMTSRDSGETWSKVSYIDGIQQTSYGTQVSAIKYSQLIDGKEAVILSTPNSRSGRKGGQLVVGLVNKEDDSIDWKY
HYDIDLPSYGYAYSAITELPNHHIGVLFEKYDSWSRNELHLSNVVQYIDLEINDLTK
;
_entity_poly.pdbx_strand_id   A
#
loop_
_chem_comp.id
_chem_comp.type
_chem_comp.name
_chem_comp.formula
DAN D-saccharide '2-DEOXY-2,3-DEHYDRO-N-ACETYL-NEURAMINIC ACID' 'C11 H17 N O8'
GOL non-polymer GLYCEROL 'C3 H8 O3'
#
# COMPACT_ATOMS: atom_id res chain seq x y z
N ILE A 39 9.72 36.30 -8.86
CA ILE A 39 8.59 36.86 -8.05
C ILE A 39 8.76 36.69 -6.54
N SER A 40 8.63 37.81 -5.81
CA SER A 40 8.60 37.79 -4.35
C SER A 40 7.18 37.44 -3.88
N PRO A 41 7.04 36.94 -2.63
CA PRO A 41 5.70 36.89 -2.01
C PRO A 41 5.02 38.28 -1.87
N ILE A 42 3.69 38.31 -2.01
CA ILE A 42 2.92 39.54 -1.79
C ILE A 42 2.78 39.79 -0.27
N PHE A 43 2.82 38.69 0.48
CA PHE A 43 2.78 38.70 1.93
C PHE A 43 3.56 37.49 2.46
N GLN A 44 4.25 37.69 3.59
CA GLN A 44 4.88 36.59 4.30
C GLN A 44 4.75 36.77 5.82
N GLY A 45 4.07 35.81 6.44
CA GLY A 45 3.89 35.77 7.87
C GLY A 45 4.77 34.69 8.48
N GLY A 46 4.78 34.62 9.81
CA GLY A 46 5.61 33.65 10.52
C GLY A 46 5.25 33.53 12.00
N SER A 47 5.49 32.34 12.56
CA SER A 47 5.13 31.99 13.95
C SER A 47 3.71 32.41 14.41
N TYR A 48 2.69 31.75 13.88
CA TYR A 48 1.30 31.99 14.29
C TYR A 48 0.75 30.86 15.17
N GLN A 49 0.36 31.18 16.40
CA GLN A 49 -0.21 30.16 17.28
C GLN A 49 -1.73 30.08 17.15
N LEU A 50 -2.22 28.92 16.72
CA LEU A 50 -3.63 28.69 16.57
C LEU A 50 -4.15 27.90 17.77
N ASN A 51 -4.72 28.64 18.71
CA ASN A 51 -5.25 28.13 19.95
C ASN A 51 -6.77 28.38 20.06
N ASN A 52 -7.52 27.86 19.10
CA ASN A 52 -8.97 28.07 19.02
C ASN A 52 -9.32 29.55 19.13
N LYS A 53 -8.69 30.33 18.28
CA LYS A 53 -8.87 31.77 18.24
C LYS A 53 -8.18 32.26 16.98
N SER A 54 -8.95 32.91 16.12
CA SER A 54 -8.47 33.35 14.81
C SER A 54 -7.49 34.53 14.87
N ILE A 55 -6.56 34.53 13.93
CA ILE A 55 -5.70 35.68 13.71
C ILE A 55 -6.13 36.37 12.41
N ASP A 56 -6.42 37.66 12.51
CA ASP A 56 -6.84 38.47 11.38
C ASP A 56 -5.59 39.04 10.73
N ILE A 57 -5.49 38.88 9.41
CA ILE A 57 -4.34 39.38 8.62
C ILE A 57 -4.84 40.10 7.35
N SER A 58 -6.02 40.70 7.49
CA SER A 58 -6.67 41.46 6.44
C SER A 58 -5.80 42.53 5.82
N SER A 59 -5.35 43.50 6.62
CA SER A 59 -4.63 44.67 6.09
C SER A 59 -3.13 44.42 5.84
N LEU A 60 -2.73 43.15 5.89
CA LEU A 60 -1.39 42.75 5.47
C LEU A 60 -1.47 42.13 4.09
N LEU A 61 -2.64 41.56 3.77
CA LEU A 61 -2.83 40.71 2.61
C LEU A 61 -3.82 41.20 1.54
N LEU A 62 -4.99 41.70 1.94
CA LEU A 62 -6.06 41.94 0.98
C LEU A 62 -5.76 42.99 -0.11
N ASP A 63 -4.96 43.99 0.22
CA ASP A 63 -4.66 45.07 -0.73
C ASP A 63 -3.74 44.56 -1.82
N LYS A 64 -2.82 43.67 -1.41
CA LYS A 64 -1.73 43.11 -2.22
C LYS A 64 -2.20 42.00 -3.13
N LEU A 65 -3.32 41.37 -2.77
CA LEU A 65 -4.00 40.44 -3.65
C LEU A 65 -4.41 41.17 -4.92
N SER A 66 -4.01 40.65 -6.08
CA SER A 66 -4.39 41.20 -7.38
C SER A 66 -4.15 40.16 -8.45
N GLY A 67 -4.90 40.27 -9.55
CA GLY A 67 -4.85 39.26 -10.60
C GLY A 67 -5.64 38.04 -10.20
N GLU A 68 -5.83 37.12 -11.14
CA GLU A 68 -6.75 36.00 -10.95
C GLU A 68 -6.05 34.69 -10.54
N SER A 69 -4.72 34.72 -10.46
CA SER A 69 -3.93 33.53 -10.14
C SER A 69 -3.17 33.72 -8.84
N GLN A 70 -3.22 32.73 -7.96
CA GLN A 70 -2.59 32.84 -6.64
C GLN A 70 -1.98 31.51 -6.20
N THR A 71 -0.97 31.58 -5.35
CA THR A 71 -0.39 30.38 -4.76
C THR A 71 -0.24 30.60 -3.29
N VAL A 72 -0.76 29.67 -2.51
CA VAL A 72 -0.58 29.71 -1.07
C VAL A 72 0.54 28.73 -0.71
N VAL A 73 1.56 29.22 -0.03
CA VAL A 73 2.57 28.31 0.52
C VAL A 73 2.51 28.43 2.03
N MET A 74 2.33 27.30 2.69
CA MET A 74 2.07 27.28 4.12
C MET A 74 2.83 26.15 4.79
N LYS A 75 3.72 26.50 5.71
CA LYS A 75 4.34 25.55 6.61
C LYS A 75 3.57 25.54 7.95
N PHE A 76 2.74 24.54 8.16
CA PHE A 76 1.91 24.46 9.37
C PHE A 76 2.15 23.19 10.20
N LYS A 77 1.80 23.27 11.50
CA LYS A 77 1.77 22.12 12.42
C LYS A 77 0.38 21.89 12.98
N ALA A 78 0.02 20.63 13.24
CA ALA A 78 -1.24 20.32 13.93
C ALA A 78 -1.26 18.90 14.48
N ASP A 79 -0.87 18.74 15.75
CA ASP A 79 -0.85 17.43 16.39
C ASP A 79 -2.03 17.13 17.35
N LYS A 80 -2.74 18.17 17.76
CA LYS A 80 -4.04 17.99 18.43
C LYS A 80 -5.05 18.76 17.64
N PRO A 81 -5.33 18.34 16.37
CA PRO A 81 -6.29 19.09 15.57
C PRO A 81 -7.76 18.93 16.00
N ASN A 82 -8.57 19.95 15.79
CA ASN A 82 -10.00 19.76 15.92
C ASN A 82 -10.50 18.85 14.80
N SER A 83 -11.71 18.32 14.98
CA SER A 83 -12.32 17.39 14.04
C SER A 83 -12.34 17.96 12.61
N LEU A 84 -12.79 19.21 12.48
CA LEU A 84 -12.70 20.01 11.27
C LEU A 84 -12.09 21.36 11.68
N GLN A 85 -11.13 21.87 10.92
CA GLN A 85 -10.57 23.17 11.23
C GLN A 85 -9.92 23.85 10.02
N ALA A 86 -10.19 25.14 9.86
CA ALA A 86 -9.61 25.92 8.76
C ALA A 86 -8.27 26.44 9.20
N LEU A 87 -7.31 26.35 8.30
CA LEU A 87 -5.98 26.89 8.53
C LEU A 87 -5.95 28.35 8.09
N PHE A 88 -6.30 28.60 6.84
CA PHE A 88 -6.30 29.92 6.23
C PHE A 88 -7.69 30.16 5.63
N GLY A 89 -8.09 31.42 5.55
CA GLY A 89 -9.43 31.75 5.09
C GLY A 89 -9.53 33.16 4.60
N LEU A 90 -10.14 33.33 3.42
CA LEU A 90 -10.54 34.63 2.88
C LEU A 90 -12.06 34.65 2.80
N SER A 91 -12.73 35.57 3.49
CA SER A 91 -14.19 35.55 3.50
C SER A 91 -14.87 36.88 3.22
N ASN A 92 -16.12 36.81 2.79
CA ASN A 92 -17.05 37.92 2.97
C ASN A 92 -17.64 37.73 4.36
N SER A 93 -17.30 38.63 5.28
CA SER A 93 -17.70 38.44 6.67
C SER A 93 -19.00 39.15 7.02
N LYS A 94 -19.68 39.69 6.02
CA LYS A 94 -20.85 40.52 6.27
C LYS A 94 -22.12 39.69 6.31
N ALA A 95 -23.08 40.16 7.11
CA ALA A 95 -24.42 39.56 7.17
C ALA A 95 -24.96 39.19 5.80
N GLY A 96 -25.38 37.93 5.64
CA GLY A 96 -26.03 37.48 4.41
C GLY A 96 -25.09 36.88 3.39
N PHE A 97 -23.80 36.87 3.69
CA PHE A 97 -22.82 36.33 2.77
C PHE A 97 -21.97 35.30 3.48
N LYS A 98 -22.64 34.40 4.19
CA LYS A 98 -21.93 33.38 4.96
C LYS A 98 -21.23 32.37 4.03
N ASN A 99 -21.75 32.21 2.82
CA ASN A 99 -21.21 31.23 1.89
C ASN A 99 -20.40 31.91 0.81
N ASN A 100 -19.76 33.03 1.15
CA ASN A 100 -18.87 33.73 0.23
C ASN A 100 -17.44 33.69 0.78
N TYR A 101 -16.72 32.60 0.48
CA TYR A 101 -15.40 32.39 1.09
C TYR A 101 -14.54 31.31 0.43
N PHE A 102 -13.23 31.43 0.64
CA PHE A 102 -12.22 30.41 0.31
C PHE A 102 -11.51 30.04 1.59
N SER A 103 -11.37 28.74 1.85
CA SER A 103 -10.54 28.27 2.97
C SER A 103 -9.65 27.09 2.58
N ILE A 104 -8.56 26.91 3.31
CA ILE A 104 -7.83 25.67 3.31
C ILE A 104 -8.15 25.03 4.65
N PHE A 105 -8.78 23.87 4.63
CA PHE A 105 -9.20 23.19 5.84
C PHE A 105 -8.57 21.80 6.01
N MET A 106 -8.56 21.30 7.24
CA MET A 106 -8.15 19.93 7.49
C MET A 106 -9.14 19.23 8.41
N ARG A 107 -9.04 17.91 8.46
CA ARG A 107 -9.81 17.09 9.41
C ARG A 107 -8.83 16.32 10.32
N ASP A 108 -9.27 15.92 11.51
CA ASP A 108 -8.38 15.18 12.42
C ASP A 108 -8.03 13.75 11.95
N SER A 109 -8.57 13.36 10.78
CA SER A 109 -8.27 12.10 10.12
C SER A 109 -7.08 12.28 9.17
N GLY A 110 -6.67 13.53 8.98
CA GLY A 110 -5.50 13.82 8.19
C GLY A 110 -5.83 14.30 6.80
N GLU A 111 -7.14 14.42 6.52
CA GLU A 111 -7.62 14.89 5.24
C GLU A 111 -7.31 16.36 5.11
N ILE A 112 -6.97 16.77 3.90
CA ILE A 112 -6.72 18.17 3.59
C ILE A 112 -7.66 18.60 2.43
N GLY A 113 -8.07 19.86 2.42
CA GLY A 113 -8.84 20.37 1.29
C GLY A 113 -9.03 21.87 1.20
N VAL A 114 -9.76 22.27 0.18
CA VAL A 114 -10.11 23.69 -0.02
C VAL A 114 -11.57 23.85 -0.30
N GLU A 115 -12.12 25.01 0.07
CA GLU A 115 -13.43 25.46 -0.43
C GLU A 115 -13.25 26.76 -1.19
N ILE A 116 -13.96 26.87 -2.31
CA ILE A 116 -14.07 28.13 -3.04
C ILE A 116 -15.58 28.36 -3.27
N ARG A 117 -16.17 29.22 -2.46
CA ARG A 117 -17.62 29.47 -2.46
C ARG A 117 -17.97 30.95 -2.76
N ASP A 118 -18.94 31.13 -3.64
CA ASP A 118 -19.51 32.45 -3.97
C ASP A 118 -21.01 32.34 -4.36
N ALA A 119 -21.90 32.83 -3.49
CA ALA A 119 -23.36 32.63 -3.63
C ALA A 119 -24.01 33.34 -4.81
N GLN A 120 -23.43 34.49 -5.17
CA GLN A 120 -23.88 35.30 -6.30
C GLN A 120 -23.55 34.61 -7.62
N LYS A 121 -22.38 33.96 -7.69
CA LYS A 121 -21.95 33.24 -8.89
C LYS A 121 -22.60 31.85 -9.03
N GLY A 122 -23.18 31.34 -7.94
CA GLY A 122 -23.78 29.99 -7.91
C GLY A 122 -22.73 28.88 -7.90
N ILE A 123 -21.57 29.19 -7.32
CA ILE A 123 -20.40 28.34 -7.29
C ILE A 123 -20.11 27.88 -5.86
N ASN A 124 -19.82 26.59 -5.70
CA ASN A 124 -19.49 26.06 -4.40
C ASN A 124 -18.53 24.89 -4.54
N TYR A 125 -17.28 25.20 -4.91
CA TYR A 125 -16.25 24.17 -5.07
C TYR A 125 -15.72 23.65 -3.74
N LEU A 126 -15.57 22.33 -3.66
CA LEU A 126 -14.95 21.68 -2.52
C LEU A 126 -14.02 20.55 -3.00
N PHE A 127 -12.72 20.69 -2.79
CA PHE A 127 -11.79 19.63 -3.18
C PHE A 127 -10.99 19.17 -1.97
N SER A 128 -10.88 17.86 -1.82
CA SER A 128 -10.10 17.30 -0.71
C SER A 128 -9.43 15.97 -1.05
N ARG A 129 -8.42 15.60 -0.26
CA ARG A 129 -7.95 14.23 -0.24
C ARG A 129 -7.73 13.74 1.18
N PRO A 130 -8.31 12.57 1.54
CA PRO A 130 -7.96 11.95 2.81
C PRO A 130 -6.46 11.71 2.97
N ALA A 131 -6.03 11.41 4.21
CA ALA A 131 -4.68 10.99 4.52
C ALA A 131 -3.59 11.77 3.79
N SER A 132 -3.60 13.09 3.97
CA SER A 132 -2.63 14.01 3.31
C SER A 132 -1.57 14.55 4.26
N LEU A 133 -1.78 14.31 5.55
CA LEU A 133 -0.99 15.03 6.52
C LEU A 133 -0.26 14.08 7.45
N TRP A 134 0.87 14.57 7.99
CA TRP A 134 1.52 14.03 9.18
C TRP A 134 1.17 14.88 10.41
N GLY A 135 1.08 14.24 11.56
CA GLY A 135 0.80 14.95 12.79
C GLY A 135 2.04 15.04 13.66
N LYS A 136 2.64 13.89 13.90
CA LYS A 136 3.63 13.75 14.93
C LYS A 136 4.63 12.65 14.52
N HIS A 137 5.91 12.90 14.76
CA HIS A 137 6.99 11.91 14.49
C HIS A 137 8.01 12.08 15.60
N LYS A 138 8.30 10.96 16.29
CA LYS A 138 9.28 10.88 17.40
C LYS A 138 8.97 11.78 18.60
N GLY A 139 7.69 11.85 18.97
CA GLY A 139 7.24 12.77 20.05
C GLY A 139 7.45 14.25 19.73
N GLN A 140 7.16 14.60 18.49
CA GLN A 140 7.34 15.97 18.04
C GLN A 140 6.34 16.27 16.93
N ALA A 141 5.72 17.45 17.00
CA ALA A 141 4.85 17.89 15.93
C ALA A 141 5.61 17.97 14.60
N VAL A 142 5.07 17.33 13.57
CA VAL A 142 5.63 17.43 12.22
C VAL A 142 5.31 18.76 11.54
N GLU A 143 6.26 19.31 10.79
CA GLU A 143 6.00 20.51 10.01
C GLU A 143 5.58 20.09 8.60
N ASN A 144 4.28 20.21 8.34
CA ASN A 144 3.73 19.97 7.00
C ASN A 144 4.01 21.15 6.09
N THR A 145 4.24 20.89 4.81
CA THR A 145 4.43 21.98 3.83
C THR A 145 3.33 21.90 2.78
N LEU A 146 2.48 22.91 2.77
CA LEU A 146 1.30 22.93 1.94
C LEU A 146 1.52 23.94 0.83
N VAL A 147 1.23 23.52 -0.40
CA VAL A 147 1.31 24.39 -1.59
C VAL A 147 0.00 24.28 -2.32
N PHE A 148 -0.81 25.32 -2.25
CA PHE A 148 -2.05 25.33 -3.01
C PHE A 148 -1.89 26.24 -4.24
N VAL A 149 -2.14 25.71 -5.44
CA VAL A 149 -1.99 26.49 -6.66
C VAL A 149 -3.33 26.76 -7.36
N SER A 150 -3.78 28.02 -7.29
CA SER A 150 -5.00 28.48 -7.96
C SER A 150 -4.65 29.16 -9.29
N ASP A 151 -4.93 28.46 -10.39
CA ASP A 151 -4.42 28.83 -11.74
C ASP A 151 -5.55 29.12 -12.75
N SER A 152 -5.63 30.37 -13.20
CA SER A 152 -6.74 30.74 -14.11
C SER A 152 -6.56 30.30 -15.56
N LYS A 153 -5.31 30.21 -16.00
CA LYS A 153 -5.00 29.80 -17.38
C LYS A 153 -5.43 28.36 -17.69
N ASP A 154 -5.28 27.47 -16.72
CA ASP A 154 -5.72 26.07 -16.87
C ASP A 154 -7.09 25.83 -16.21
N LYS A 155 -7.56 26.81 -15.44
CA LYS A 155 -8.72 26.67 -14.55
C LYS A 155 -8.58 25.47 -13.60
N THR A 156 -7.39 25.36 -13.00
CA THR A 156 -7.07 24.23 -12.16
C THR A 156 -6.64 24.66 -10.76
N TYR A 157 -7.18 23.95 -9.76
CA TYR A 157 -6.82 24.08 -8.35
C TYR A 157 -6.03 22.86 -7.93
N THR A 158 -4.76 23.05 -7.60
CA THR A 158 -3.86 21.96 -7.29
C THR A 158 -3.32 22.10 -5.88
N MET A 159 -3.26 21.00 -5.16
CA MET A 159 -2.82 21.01 -3.79
C MET A 159 -1.71 19.98 -3.60
N TYR A 160 -0.59 20.43 -3.07
CA TYR A 160 0.47 19.53 -2.66
C TYR A 160 0.56 19.62 -1.15
N VAL A 161 0.93 18.52 -0.51
CA VAL A 161 1.35 18.55 0.88
C VAL A 161 2.60 17.68 0.95
N ASN A 162 3.68 18.26 1.49
CA ASN A 162 4.94 17.54 1.74
C ASN A 162 5.57 17.04 0.44
N GLY A 163 5.43 17.81 -0.64
CA GLY A 163 6.03 17.43 -1.92
C GLY A 163 5.19 16.53 -2.79
N ILE A 164 4.13 15.97 -2.18
CA ILE A 164 3.18 15.10 -2.85
C ILE A 164 1.94 15.90 -3.28
N GLU A 165 1.57 15.74 -4.56
CA GLU A 165 0.31 16.24 -5.10
C GLU A 165 -0.83 15.35 -4.60
N VAL A 166 -1.82 15.97 -3.95
CA VAL A 166 -2.91 15.22 -3.31
C VAL A 166 -4.25 15.38 -4.03
N PHE A 167 -4.45 16.53 -4.66
CA PHE A 167 -5.51 16.66 -5.68
C PHE A 167 -5.14 17.69 -6.72
N SER A 168 -5.81 17.64 -7.87
CA SER A 168 -5.65 18.59 -8.97
C SER A 168 -6.96 18.55 -9.77
N GLU A 169 -7.70 19.65 -9.74
CA GLU A 169 -9.07 19.68 -10.21
C GLU A 169 -9.27 20.77 -11.24
N THR A 170 -9.71 20.38 -12.44
CA THR A 170 -10.08 21.35 -13.47
C THR A 170 -11.59 21.59 -13.46
N VAL A 171 -11.96 22.86 -13.61
CA VAL A 171 -13.37 23.25 -13.57
C VAL A 171 -13.73 23.93 -14.88
N ASP A 172 -15.03 24.00 -15.20
CA ASP A 172 -15.46 24.75 -16.38
C ASP A 172 -15.39 26.23 -16.08
N THR A 173 -16.06 26.65 -15.01
CA THR A 173 -16.06 28.05 -14.58
C THR A 173 -15.09 28.28 -13.43
N PHE A 174 -13.99 28.96 -13.72
CA PHE A 174 -12.96 29.24 -12.71
C PHE A 174 -13.42 30.35 -11.79
N LEU A 175 -13.15 30.17 -10.50
CA LEU A 175 -13.35 31.24 -9.53
C LEU A 175 -12.06 31.58 -8.79
N PRO A 176 -11.39 32.69 -9.20
CA PRO A 176 -10.18 33.14 -8.51
C PRO A 176 -10.51 33.36 -7.05
N ILE A 177 -9.62 32.93 -6.15
CA ILE A 177 -9.91 32.95 -4.70
C ILE A 177 -10.16 34.37 -4.16
N SER A 178 -9.71 35.35 -4.94
CA SER A 178 -9.83 36.78 -4.63
C SER A 178 -10.95 37.46 -5.45
N ASN A 179 -11.70 36.67 -6.21
CA ASN A 179 -12.87 37.20 -6.91
C ASN A 179 -14.18 37.00 -6.18
N ILE A 180 -14.15 36.25 -5.10
CA ILE A 180 -15.33 36.12 -4.27
C ILE A 180 -15.80 37.54 -3.89
N ASN A 181 -17.08 37.82 -4.12
CA ASN A 181 -17.54 39.20 -3.94
C ASN A 181 -17.74 39.61 -2.49
N GLY A 182 -17.19 40.78 -2.16
CA GLY A 182 -17.29 41.37 -0.83
C GLY A 182 -16.28 40.86 0.19
N ILE A 183 -15.21 40.22 -0.28
CA ILE A 183 -14.14 39.77 0.61
C ILE A 183 -13.58 40.95 1.41
N ASP A 184 -13.51 40.76 2.72
CA ASP A 184 -13.06 41.83 3.60
C ASP A 184 -12.31 41.28 4.80
N LYS A 185 -12.03 39.98 4.78
CA LYS A 185 -11.22 39.34 5.81
C LYS A 185 -10.23 38.32 5.23
N ALA A 186 -8.99 38.38 5.73
CA ALA A 186 -8.01 37.33 5.54
C ALA A 186 -7.68 36.84 6.93
N THR A 187 -7.87 35.54 7.17
CA THR A 187 -7.85 34.97 8.53
C THR A 187 -7.02 33.70 8.59
N LEU A 188 -6.47 33.43 9.77
CA LEU A 188 -5.74 32.19 10.02
C LEU A 188 -6.38 31.47 11.20
N GLY A 189 -6.75 30.20 11.01
CA GLY A 189 -7.24 29.41 12.13
C GLY A 189 -8.73 29.54 12.38
N ALA A 190 -9.44 30.12 11.40
CA ALA A 190 -10.90 30.16 11.35
C ALA A 190 -11.29 30.72 10.00
N VAL A 191 -12.58 30.63 9.66
CA VAL A 191 -13.19 31.40 8.57
C VAL A 191 -14.17 32.33 9.23
N ASN A 192 -14.02 33.64 9.05
CA ASN A 192 -14.94 34.62 9.65
C ASN A 192 -16.26 34.71 8.88
N ARG A 193 -17.30 34.16 9.48
CA ARG A 193 -18.62 34.14 8.82
C ARG A 193 -19.65 34.95 9.61
N GLU A 194 -20.14 36.00 8.94
CA GLU A 194 -21.10 36.94 9.48
C GLU A 194 -20.63 37.40 10.84
N GLY A 195 -19.33 37.69 10.95
CA GLY A 195 -18.78 38.25 12.15
C GLY A 195 -18.29 37.30 13.22
N LYS A 196 -18.42 35.99 12.97
CA LYS A 196 -18.03 34.94 13.95
C LYS A 196 -17.04 33.91 13.40
N GLU A 197 -16.23 33.34 14.28
CA GLU A 197 -15.21 32.35 13.90
C GLU A 197 -15.82 30.96 13.65
N HIS A 198 -15.72 30.48 12.42
CA HIS A 198 -16.14 29.13 12.13
C HIS A 198 -14.91 28.27 11.89
N TYR A 199 -15.04 26.96 12.14
CA TYR A 199 -13.97 25.99 11.85
C TYR A 199 -12.68 26.33 12.58
N LEU A 200 -12.80 26.67 13.87
CA LEU A 200 -11.66 27.11 14.70
C LEU A 200 -10.54 26.08 14.77
N ALA A 201 -9.32 26.56 14.54
CA ALA A 201 -8.13 25.70 14.41
C ALA A 201 -7.36 25.63 15.70
N LYS A 202 -6.92 24.42 16.00
CA LYS A 202 -5.89 24.15 16.99
C LYS A 202 -4.67 23.59 16.24
N GLY A 203 -3.61 24.40 16.19
CA GLY A 203 -2.35 24.09 15.50
C GLY A 203 -1.42 25.31 15.49
N SER A 204 -0.50 25.35 14.53
CA SER A 204 0.38 26.51 14.44
C SER A 204 0.84 26.72 13.01
N ILE A 205 0.98 27.99 12.58
CA ILE A 205 1.46 28.31 11.24
C ILE A 205 2.83 28.97 11.34
N ASP A 206 3.81 28.35 10.72
CA ASP A 206 5.17 28.86 10.82
C ASP A 206 5.47 29.80 9.69
N GLU A 207 4.94 29.51 8.52
CA GLU A 207 5.09 30.41 7.40
C GLU A 207 3.86 30.36 6.53
N ILE A 208 3.31 31.53 6.21
CA ILE A 208 2.32 31.60 5.16
C ILE A 208 2.74 32.67 4.16
N SER A 209 2.78 32.29 2.88
CA SER A 209 3.10 33.24 1.81
C SER A 209 2.04 33.20 0.74
N LEU A 210 1.80 34.34 0.12
CA LEU A 210 0.95 34.35 -1.06
C LEU A 210 1.68 35.02 -2.20
N PHE A 211 1.36 34.54 -3.38
CA PHE A 211 1.95 35.04 -4.60
C PHE A 211 0.82 35.38 -5.53
N ASN A 212 0.95 36.47 -6.28
CA ASN A 212 -0.02 36.76 -7.33
C ASN A 212 0.45 36.12 -8.61
N LYS A 213 0.50 34.78 -8.58
CA LYS A 213 1.12 33.95 -9.59
C LYS A 213 0.74 32.51 -9.31
N ALA A 214 0.41 31.77 -10.35
CA ALA A 214 0.23 30.34 -10.24
C ALA A 214 1.57 29.74 -10.59
N ILE A 215 2.21 29.08 -9.64
CA ILE A 215 3.58 28.59 -9.85
C ILE A 215 3.64 27.27 -10.62
N SER A 216 4.74 27.11 -11.36
CA SER A 216 4.96 25.92 -12.18
C SER A 216 5.22 24.71 -11.30
N ASP A 217 4.97 23.51 -11.83
CA ASP A 217 5.27 22.25 -11.14
C ASP A 217 6.78 22.24 -10.81
N GLN A 218 7.58 22.74 -11.76
CA GLN A 218 9.01 22.93 -11.55
C GLN A 218 9.29 23.79 -10.33
N GLU A 219 8.56 24.90 -10.18
CA GLU A 219 8.75 25.79 -9.02
C GLU A 219 8.28 25.17 -7.70
N VAL A 220 7.31 24.26 -7.75
CA VAL A 220 6.83 23.55 -6.57
C VAL A 220 7.91 22.61 -6.00
N SER A 221 8.57 21.89 -6.90
CA SER A 221 9.58 20.92 -6.47
C SER A 221 10.92 21.54 -6.09
N THR A 222 11.03 22.86 -6.19
CA THR A 222 12.18 23.60 -5.65
C THR A 222 11.89 24.18 -4.25
N ILE A 223 10.67 24.00 -3.75
CA ILE A 223 10.28 24.45 -2.40
C ILE A 223 10.87 23.44 -1.42
N PRO A 224 11.59 23.91 -0.38
CA PRO A 224 12.23 22.99 0.55
C PRO A 224 11.25 22.26 1.45
N LEU A 225 11.58 21.01 1.78
CA LEU A 225 10.77 20.19 2.69
C LEU A 225 11.58 19.67 3.87
N SER A 226 10.95 19.74 5.04
CA SER A 226 11.44 19.08 6.25
C SER A 226 10.54 17.84 6.54
N ASN A 227 10.78 16.76 5.79
CA ASN A 227 9.91 15.57 5.78
C ASN A 227 10.34 14.46 6.73
N PRO A 228 9.41 13.96 7.57
CA PRO A 228 9.75 12.87 8.47
C PRO A 228 9.77 11.51 7.77
N PHE A 229 9.37 11.47 6.51
CA PHE A 229 9.27 10.24 5.76
C PHE A 229 10.02 10.32 4.42
N GLN A 230 10.33 9.15 3.86
CA GLN A 230 10.80 9.07 2.49
C GLN A 230 9.94 8.10 1.68
N LEU A 231 9.99 8.18 0.35
CA LEU A 231 9.23 7.24 -0.50
C LEU A 231 10.19 6.23 -1.16
N ILE A 232 9.89 4.94 -1.09
CA ILE A 232 10.68 3.92 -1.79
C ILE A 232 10.06 3.71 -3.17
N PHE A 233 8.73 3.60 -3.17
CA PHE A 233 7.92 3.47 -4.36
C PHE A 233 7.06 4.71 -4.39
N GLN A 234 6.84 5.27 -5.59
CA GLN A 234 6.05 6.49 -5.75
C GLN A 234 5.51 6.63 -7.17
N SER A 235 4.42 7.40 -7.31
CA SER A 235 3.84 7.72 -8.63
C SER A 235 4.89 8.35 -9.59
N GLY A 236 5.05 7.74 -10.77
CA GLY A 236 5.97 8.27 -11.74
C GLY A 236 7.24 7.46 -11.91
N ASP A 237 7.59 6.66 -10.91
CA ASP A 237 8.81 5.82 -11.00
C ASP A 237 8.67 4.77 -12.09
N SER A 238 9.66 3.89 -12.17
CA SER A 238 9.80 2.95 -13.25
C SER A 238 8.74 1.87 -13.33
N THR A 239 7.98 1.68 -12.25
CA THR A 239 6.81 0.77 -12.27
C THR A 239 5.66 1.36 -13.04
N GLN A 240 5.58 2.68 -13.05
CA GLN A 240 4.48 3.41 -13.70
C GLN A 240 3.08 3.13 -13.11
N ALA A 241 3.03 2.51 -11.93
CA ALA A 241 1.80 2.39 -11.18
C ALA A 241 1.63 3.65 -10.32
N ASN A 242 0.40 4.09 -10.13
CA ASN A 242 0.12 5.37 -9.49
C ASN A 242 -0.26 5.09 -8.05
N TYR A 243 -0.38 3.80 -7.75
CA TYR A 243 -0.80 3.27 -6.44
C TYR A 243 0.05 2.05 -6.01
N PHE A 244 0.21 1.91 -4.69
CA PHE A 244 1.05 0.85 -4.10
C PHE A 244 0.38 0.35 -2.82
N ARG A 245 0.40 -0.96 -2.58
CA ARG A 245 -0.12 -1.50 -1.34
C ARG A 245 0.74 -2.67 -0.93
N ILE A 246 0.63 -3.04 0.34
CA ILE A 246 1.17 -4.29 0.87
C ILE A 246 2.69 -4.25 0.84
N PRO A 247 3.28 -3.38 1.69
CA PRO A 247 4.72 -3.30 1.71
C PRO A 247 5.35 -4.54 2.33
N THR A 248 6.60 -4.83 1.94
CA THR A 248 7.47 -5.75 2.67
C THR A 248 8.85 -5.10 2.88
N LEU A 249 9.59 -5.61 3.87
CA LEU A 249 10.99 -5.24 4.12
C LEU A 249 11.71 -6.48 4.67
N TYR A 250 12.99 -6.64 4.28
CA TYR A 250 13.88 -7.70 4.79
C TYR A 250 15.39 -7.27 4.77
N THR A 251 16.11 -7.52 5.85
CA THR A 251 17.55 -7.24 5.87
C THR A 251 18.35 -8.47 5.44
N LEU A 252 18.99 -8.37 4.28
CA LEU A 252 19.84 -9.43 3.73
C LEU A 252 21.19 -9.44 4.43
N SER A 253 21.97 -10.51 4.24
CA SER A 253 23.17 -10.71 5.04
C SER A 253 24.28 -9.73 4.69
N SER A 254 24.30 -9.31 3.44
CA SER A 254 25.26 -8.32 2.92
C SER A 254 25.09 -6.92 3.49
N GLY A 255 23.93 -6.64 4.09
CA GLY A 255 23.67 -5.33 4.69
C GLY A 255 22.61 -4.63 3.88
N ARG A 256 22.35 -5.15 2.70
CA ARG A 256 21.31 -4.64 1.84
C ARG A 256 19.96 -4.83 2.52
N VAL A 257 19.12 -3.82 2.45
CA VAL A 257 17.72 -3.94 2.82
C VAL A 257 16.93 -3.98 1.52
N LEU A 258 16.01 -4.94 1.44
CA LEU A 258 15.20 -5.16 0.28
C LEU A 258 13.72 -4.94 0.61
N SER A 259 13.01 -4.30 -0.32
CA SER A 259 11.59 -4.02 -0.20
C SER A 259 10.88 -4.65 -1.36
N SER A 260 9.76 -5.33 -1.11
CA SER A 260 8.78 -5.65 -2.19
C SER A 260 7.41 -5.01 -1.96
N ILE A 261 6.61 -4.92 -3.03
CA ILE A 261 5.33 -4.26 -2.93
C ILE A 261 4.38 -4.60 -4.07
N ASP A 262 3.08 -4.44 -3.83
CA ASP A 262 2.11 -4.45 -4.93
C ASP A 262 2.23 -3.15 -5.67
N ALA A 263 2.62 -3.22 -6.94
CA ALA A 263 2.48 -2.09 -7.84
C ALA A 263 1.07 -2.20 -8.42
N ARG A 264 0.16 -1.36 -7.91
CA ARG A 264 -1.27 -1.48 -8.22
C ARG A 264 -1.72 -0.43 -9.17
N TYR A 265 -2.21 -0.87 -10.33
CA TYR A 265 -2.45 0.05 -11.44
C TYR A 265 -3.89 0.61 -11.44
N GLY A 266 -4.85 -0.24 -11.09
CA GLY A 266 -6.27 0.07 -11.20
C GLY A 266 -6.82 0.67 -9.91
N GLY A 267 -6.19 1.75 -9.48
CA GLY A 267 -6.44 2.29 -8.17
C GLY A 267 -5.86 1.32 -7.17
N THR A 268 -6.35 1.39 -5.93
CA THR A 268 -5.82 0.54 -4.86
C THR A 268 -6.54 -0.81 -4.73
N HIS A 269 -7.51 -1.08 -5.60
CA HIS A 269 -8.31 -2.30 -5.55
C HIS A 269 -7.47 -3.57 -5.50
N ASP A 270 -7.90 -4.54 -4.68
CA ASP A 270 -7.35 -5.88 -4.70
C ASP A 270 -7.59 -6.38 -6.10
N SER A 271 -6.91 -7.47 -6.46
CA SER A 271 -7.29 -8.31 -7.58
C SER A 271 -8.78 -8.69 -7.45
N LYS A 272 -9.56 -8.74 -8.53
CA LYS A 272 -9.12 -8.62 -9.91
C LYS A 272 -8.69 -7.21 -10.27
N SER A 273 -7.52 -7.07 -10.90
CA SER A 273 -6.98 -5.77 -11.29
C SER A 273 -5.77 -5.96 -12.19
N LYS A 274 -5.05 -4.87 -12.47
CA LYS A 274 -3.68 -5.02 -12.96
C LYS A 274 -2.77 -4.70 -11.79
N ILE A 275 -1.90 -5.64 -11.45
CA ILE A 275 -0.92 -5.54 -10.36
C ILE A 275 0.37 -6.30 -10.69
N ASN A 276 1.49 -5.73 -10.28
CA ASN A 276 2.78 -6.37 -10.42
C ASN A 276 3.44 -6.30 -9.06
N ILE A 277 4.38 -7.22 -8.82
CA ILE A 277 5.25 -7.17 -7.65
C ILE A 277 6.51 -6.42 -8.00
N ALA A 278 6.70 -5.26 -7.39
CA ALA A 278 7.96 -4.52 -7.54
C ALA A 278 8.87 -4.59 -6.29
N THR A 279 10.17 -4.47 -6.51
CA THR A 279 11.13 -4.53 -5.42
C THR A 279 12.11 -3.37 -5.52
N SER A 280 12.83 -3.09 -4.43
CA SER A 280 13.82 -2.00 -4.36
C SER A 280 14.69 -2.33 -3.16
N TYR A 281 15.94 -1.88 -3.19
CA TYR A 281 16.88 -2.19 -2.11
C TYR A 281 17.65 -0.95 -1.76
N SER A 282 18.24 -0.98 -0.56
CA SER A 282 19.05 0.12 -0.01
C SER A 282 20.37 -0.44 0.48
N ASP A 283 21.48 0.12 0.03
CA ASP A 283 22.81 -0.33 0.47
C ASP A 283 23.40 0.59 1.53
N ASP A 284 22.58 1.50 2.05
CA ASP A 284 23.04 2.50 3.02
C ASP A 284 22.09 2.72 4.20
N ASN A 285 21.59 1.63 4.76
CA ASN A 285 20.75 1.66 5.97
C ASN A 285 19.41 2.37 5.78
N GLY A 286 18.91 2.36 4.56
CA GLY A 286 17.63 2.97 4.28
C GLY A 286 17.70 4.40 3.77
N LYS A 287 18.88 5.01 3.78
CA LYS A 287 19.01 6.41 3.35
C LYS A 287 18.57 6.63 1.91
N THR A 288 19.09 5.83 0.98
CA THR A 288 18.65 5.88 -0.41
C THR A 288 18.19 4.53 -0.92
N TRP A 289 17.25 4.54 -1.87
CA TRP A 289 16.74 3.32 -2.49
C TRP A 289 16.95 3.31 -4.00
N SER A 290 17.21 2.14 -4.54
CA SER A 290 17.39 1.96 -5.98
C SER A 290 16.05 2.15 -6.73
N GLU A 291 16.12 2.53 -8.00
CA GLU A 291 14.91 2.57 -8.83
C GLU A 291 14.20 1.18 -8.85
N PRO A 292 12.90 1.12 -8.50
CA PRO A 292 12.15 -0.14 -8.49
C PRO A 292 12.30 -0.95 -9.77
N ILE A 293 12.35 -2.28 -9.62
CA ILE A 293 12.23 -3.19 -10.75
C ILE A 293 11.06 -4.14 -10.48
N PHE A 294 10.79 -5.04 -11.42
CA PHE A 294 9.77 -6.06 -11.22
C PHE A 294 10.35 -7.39 -10.78
N ALA A 295 9.61 -8.06 -9.89
CA ALA A 295 9.93 -9.40 -9.38
C ALA A 295 9.02 -10.37 -10.09
N MET A 296 7.76 -9.97 -10.20
CA MET A 296 6.79 -10.66 -11.03
C MET A 296 6.00 -9.63 -11.84
N LYS A 297 5.84 -9.87 -13.15
CA LYS A 297 5.03 -8.98 -13.98
C LYS A 297 4.23 -9.69 -15.06
N PHE A 298 3.14 -9.06 -15.47
CA PHE A 298 2.33 -9.51 -16.59
C PHE A 298 2.22 -8.37 -17.59
N ASN A 299 2.11 -8.72 -18.88
CA ASN A 299 2.09 -7.70 -19.95
C ASN A 299 0.85 -7.74 -20.82
N ASP A 300 -0.19 -8.44 -20.35
CA ASP A 300 -1.48 -8.50 -21.06
C ASP A 300 -2.15 -7.12 -21.06
N TYR A 301 -1.90 -6.35 -20.00
CA TYR A 301 -2.34 -4.98 -19.95
C TYR A 301 -1.14 -4.06 -19.79
N GLU A 302 -1.19 -2.94 -20.52
CA GLU A 302 -0.19 -1.88 -20.47
C GLU A 302 0.04 -1.37 -19.04
N GLU A 303 1.28 -1.02 -18.72
CA GLU A 303 1.57 -0.33 -17.47
C GLU A 303 1.19 1.14 -17.62
N GLN A 304 0.09 1.52 -16.99
CA GLN A 304 -0.41 2.89 -17.10
C GLN A 304 -0.56 3.58 -15.78
N LEU A 305 0.06 4.75 -15.71
CA LEU A 305 -0.21 5.67 -14.64
C LEU A 305 -1.55 6.30 -14.98
N VAL A 306 -2.57 5.85 -14.26
CA VAL A 306 -3.94 6.36 -14.33
C VAL A 306 -4.30 7.03 -13.01
N TYR A 307 -5.07 8.13 -13.10
CA TYR A 307 -5.71 8.75 -11.93
C TYR A 307 -7.14 8.20 -11.83
N TRP A 308 -7.34 7.26 -10.90
CA TRP A 308 -8.65 6.62 -10.64
C TRP A 308 -9.44 7.75 -9.98
N PRO A 309 -10.74 7.96 -10.30
CA PRO A 309 -12.12 7.76 -9.93
C PRO A 309 -12.27 7.62 -8.44
N ARG A 310 -12.41 8.77 -7.80
CA ARG A 310 -12.66 8.83 -6.36
C ARG A 310 -14.13 9.20 -6.02
N ASP A 311 -14.90 9.54 -7.04
CA ASP A 311 -16.30 9.87 -6.83
C ASP A 311 -17.13 8.61 -6.64
N ASN A 312 -18.29 8.76 -6.01
CA ASN A 312 -19.10 7.60 -5.63
C ASN A 312 -19.73 6.76 -6.76
N LYS A 313 -19.95 7.34 -7.93
CA LYS A 313 -20.45 6.53 -9.06
C LYS A 313 -19.33 5.71 -9.74
N LEU A 314 -18.08 6.16 -9.65
CA LEU A 314 -16.99 5.57 -10.45
C LEU A 314 -15.83 4.87 -9.70
N LYS A 315 -15.76 5.02 -8.38
CA LYS A 315 -14.59 4.52 -7.61
C LYS A 315 -14.43 2.99 -7.60
N ASN A 316 -15.55 2.28 -7.67
CA ASN A 316 -15.56 0.81 -7.73
C ASN A 316 -15.22 0.24 -9.09
N SER A 317 -14.96 1.12 -10.06
CA SER A 317 -14.40 0.68 -11.35
C SER A 317 -13.13 -0.08 -11.02
N GLN A 318 -12.99 -1.24 -11.65
CA GLN A 318 -11.94 -2.16 -11.31
C GLN A 318 -11.58 -2.92 -12.56
N ILE A 319 -10.29 -2.92 -12.91
CA ILE A 319 -9.80 -3.56 -14.14
C ILE A 319 -10.21 -5.03 -14.09
N SER A 320 -10.93 -5.48 -15.13
CA SER A 320 -11.65 -6.76 -15.11
C SER A 320 -11.12 -7.83 -16.07
N GLY A 321 -10.26 -7.44 -17.00
CA GLY A 321 -9.72 -8.38 -17.97
C GLY A 321 -8.25 -8.68 -17.77
N SER A 322 -7.66 -8.15 -16.68
CA SER A 322 -6.23 -8.34 -16.48
C SER A 322 -5.85 -9.44 -15.50
N ALA A 323 -4.76 -10.14 -15.82
CA ALA A 323 -4.06 -10.96 -14.85
C ALA A 323 -3.26 -10.08 -13.87
N SER A 324 -2.91 -10.63 -12.71
CA SER A 324 -2.25 -9.86 -11.67
C SER A 324 -1.55 -10.71 -10.63
N PHE A 325 -0.60 -10.09 -9.90
CA PHE A 325 0.04 -10.65 -8.71
C PHE A 325 -0.40 -9.82 -7.52
N ILE A 326 -0.48 -10.42 -6.34
CA ILE A 326 -0.95 -9.74 -5.15
C ILE A 326 -0.32 -10.41 -3.92
N ASP A 327 0.06 -9.59 -2.94
CA ASP A 327 0.61 -10.04 -1.65
C ASP A 327 1.93 -10.77 -1.79
N SER A 328 3.04 -10.04 -1.73
CA SER A 328 4.35 -10.66 -1.80
C SER A 328 4.89 -10.91 -0.40
N SER A 329 5.84 -11.83 -0.31
CA SER A 329 6.55 -12.13 0.92
C SER A 329 7.99 -12.49 0.57
N ILE A 330 8.93 -12.05 1.40
CA ILE A 330 10.33 -12.28 1.11
C ILE A 330 11.14 -12.94 2.26
N VAL A 331 12.21 -13.65 1.85
CA VAL A 331 13.18 -14.33 2.73
C VAL A 331 14.53 -14.51 2.03
N GLU A 332 15.57 -14.70 2.82
CA GLU A 332 16.89 -15.06 2.32
C GLU A 332 17.23 -16.47 2.77
N ASP A 333 17.79 -17.24 1.85
CA ASP A 333 18.29 -18.57 2.15
C ASP A 333 19.80 -18.48 2.43
N LYS A 334 20.14 -18.89 3.65
CA LYS A 334 21.49 -18.98 4.18
C LYS A 334 22.42 -19.88 3.34
N LYS A 335 21.94 -21.07 2.96
CA LYS A 335 22.79 -22.06 2.31
C LYS A 335 23.18 -21.63 0.90
N SER A 336 22.21 -21.26 0.09
CA SER A 336 22.47 -20.95 -1.29
C SER A 336 22.80 -19.48 -1.53
N GLY A 337 22.47 -18.62 -0.56
CA GLY A 337 22.59 -17.18 -0.73
C GLY A 337 21.43 -16.55 -1.51
N LYS A 338 20.59 -17.39 -2.10
CA LYS A 338 19.43 -16.92 -2.86
C LYS A 338 18.52 -16.02 -2.01
N THR A 339 17.84 -15.11 -2.70
CA THR A 339 16.78 -14.34 -2.08
C THR A 339 15.51 -14.81 -2.72
N ILE A 340 14.57 -15.26 -1.90
CA ILE A 340 13.30 -15.84 -2.38
C ILE A 340 12.12 -14.93 -2.05
N LEU A 341 11.25 -14.77 -3.05
CA LEU A 341 10.05 -13.94 -3.00
C LEU A 341 8.89 -14.74 -3.57
N LEU A 342 7.85 -14.89 -2.79
CA LEU A 342 6.62 -15.52 -3.23
C LEU A 342 5.52 -14.47 -3.27
N ALA A 343 4.50 -14.71 -4.09
CA ALA A 343 3.26 -13.90 -4.11
C ALA A 343 2.11 -14.73 -4.68
N ASP A 344 0.87 -14.27 -4.51
CA ASP A 344 -0.29 -14.84 -5.18
C ASP A 344 -0.31 -14.43 -6.67
N VAL A 345 -0.76 -15.35 -7.51
CA VAL A 345 -0.88 -15.15 -8.96
C VAL A 345 -2.36 -15.31 -9.27
N MET A 346 -2.91 -14.34 -9.99
CA MET A 346 -4.32 -14.37 -10.35
C MET A 346 -4.46 -14.32 -11.88
N PRO A 347 -5.20 -15.31 -12.43
CA PRO A 347 -5.45 -15.35 -13.87
C PRO A 347 -6.33 -14.17 -14.27
N ALA A 348 -6.32 -13.82 -15.54
CA ALA A 348 -7.09 -12.71 -16.08
C ALA A 348 -8.47 -12.65 -15.47
N GLY A 349 -8.82 -11.47 -14.95
CA GLY A 349 -10.13 -11.21 -14.33
C GLY A 349 -10.38 -11.84 -12.95
N ILE A 350 -9.36 -12.45 -12.34
CA ILE A 350 -9.56 -13.16 -11.08
C ILE A 350 -8.91 -12.47 -9.87
N GLY A 351 -9.58 -12.63 -8.72
CA GLY A 351 -9.13 -12.19 -7.41
C GLY A 351 -9.71 -13.18 -6.39
N ASN A 352 -9.63 -12.88 -5.09
CA ASN A 352 -10.07 -13.87 -4.10
C ASN A 352 -11.60 -14.02 -4.04
N ASN A 353 -12.31 -12.95 -4.42
CA ASN A 353 -13.78 -12.95 -4.48
C ASN A 353 -14.35 -14.01 -5.43
N ASN A 354 -13.83 -14.09 -6.66
CA ASN A 354 -14.36 -15.03 -7.68
C ASN A 354 -13.54 -16.30 -7.93
N ALA A 355 -12.41 -16.43 -7.24
CA ALA A 355 -11.50 -17.58 -7.40
C ALA A 355 -12.20 -18.91 -7.15
N ASN A 356 -12.05 -19.81 -8.11
CA ASN A 356 -12.60 -21.14 -8.04
C ASN A 356 -12.00 -21.94 -6.90
N LYS A 357 -12.70 -21.92 -5.77
CA LYS A 357 -12.49 -22.95 -4.75
C LYS A 357 -12.95 -24.25 -5.43
N ALA A 358 -12.73 -25.38 -4.78
CA ALA A 358 -13.09 -26.68 -5.38
C ALA A 358 -12.21 -27.08 -6.58
N ASP A 359 -11.20 -26.26 -6.89
CA ASP A 359 -10.21 -26.59 -7.93
C ASP A 359 -8.85 -25.91 -7.68
N SER A 360 -7.77 -26.70 -7.77
CA SER A 360 -6.38 -26.21 -7.60
C SER A 360 -5.75 -25.71 -8.91
N GLY A 361 -6.36 -26.07 -10.02
CA GLY A 361 -5.76 -25.80 -11.33
C GLY A 361 -4.86 -26.94 -11.77
N PHE A 362 -4.67 -27.92 -10.89
CA PHE A 362 -3.80 -29.06 -11.18
C PHE A 362 -4.56 -30.39 -11.22
N LYS A 363 -4.18 -31.23 -12.18
CA LYS A 363 -4.49 -32.65 -12.17
C LYS A 363 -3.29 -33.41 -11.62
N GLU A 364 -3.52 -34.10 -10.50
CA GLU A 364 -2.55 -35.00 -9.90
C GLU A 364 -2.54 -36.31 -10.67
N ILE A 365 -1.33 -36.81 -10.98
CA ILE A 365 -1.15 -38.13 -11.61
C ILE A 365 -0.09 -38.90 -10.83
N ASN A 366 -0.54 -39.91 -10.10
CA ASN A 366 0.21 -40.56 -9.01
C ASN A 366 1.36 -39.75 -8.41
N GLY A 367 1.02 -38.82 -7.51
CA GLY A 367 2.03 -38.11 -6.73
C GLY A 367 2.62 -36.87 -7.38
N HIS A 368 2.35 -36.69 -8.67
CA HIS A 368 2.82 -35.54 -9.41
C HIS A 368 1.63 -34.62 -9.68
N TYR A 369 1.91 -33.32 -9.81
CA TYR A 369 0.88 -32.32 -10.08
C TYR A 369 1.17 -31.60 -11.38
N TYR A 370 0.18 -31.56 -12.29
CA TYR A 370 0.33 -30.87 -13.59
C TYR A 370 -0.72 -29.81 -13.81
N LEU A 371 -0.30 -28.66 -14.34
CA LEU A 371 -1.21 -27.56 -14.64
C LEU A 371 -2.22 -27.98 -15.70
N LYS A 372 -3.50 -27.75 -15.41
CA LYS A 372 -4.59 -28.03 -16.36
C LYS A 372 -4.78 -26.84 -17.29
N LEU A 373 -5.12 -27.13 -18.54
CA LEU A 373 -5.36 -26.08 -19.53
C LEU A 373 -6.69 -26.25 -20.27
N LYS A 374 -7.38 -25.13 -20.51
CA LYS A 374 -8.60 -25.09 -21.31
C LYS A 374 -8.34 -24.36 -22.62
N LYS A 375 -8.66 -25.02 -23.72
CA LYS A 375 -8.40 -24.47 -25.02
C LYS A 375 -9.64 -23.78 -25.54
N ASN A 376 -9.41 -22.74 -26.35
CA ASN A 376 -10.42 -22.03 -27.13
C ASN A 376 -11.43 -22.96 -27.88
N GLY A 377 -12.71 -22.78 -27.58
CA GLY A 377 -13.79 -23.59 -28.16
C GLY A 377 -14.15 -24.83 -27.37
N ASP A 378 -13.38 -25.11 -26.31
CA ASP A 378 -13.63 -26.25 -25.43
C ASP A 378 -14.34 -25.72 -24.20
N ASN A 379 -15.25 -26.53 -23.66
CA ASN A 379 -15.93 -26.14 -22.41
C ASN A 379 -15.33 -26.74 -21.17
N ASP A 380 -14.50 -27.76 -21.35
CA ASP A 380 -13.84 -28.44 -20.24
C ASP A 380 -12.32 -28.33 -20.35
N PHE A 381 -11.60 -28.64 -19.27
CA PHE A 381 -10.13 -28.57 -19.26
C PHE A 381 -9.56 -29.88 -19.75
N ARG A 382 -9.18 -29.93 -21.03
CA ARG A 382 -8.72 -31.19 -21.65
C ARG A 382 -7.18 -31.37 -21.65
N TYR A 383 -6.44 -30.38 -21.20
CA TYR A 383 -5.01 -30.45 -21.33
C TYR A 383 -4.26 -30.35 -20.00
N THR A 384 -3.03 -30.86 -19.97
CA THR A 384 -2.15 -30.69 -18.83
C THR A 384 -0.77 -30.31 -19.38
N VAL A 385 0.08 -29.74 -18.52
CA VAL A 385 1.39 -29.29 -18.94
C VAL A 385 2.34 -30.27 -18.33
N ARG A 386 2.69 -31.26 -19.13
CA ARG A 386 3.55 -32.36 -18.71
C ARG A 386 4.99 -31.89 -18.66
N GLU A 387 5.95 -32.81 -18.70
CA GLU A 387 7.36 -32.42 -18.59
C GLU A 387 7.92 -31.76 -19.87
N ASN A 388 8.83 -30.79 -19.67
CA ASN A 388 9.32 -29.85 -20.72
C ASN A 388 8.23 -28.91 -21.26
N GLY A 389 7.10 -28.84 -20.58
CA GLY A 389 6.03 -27.93 -20.93
C GLY A 389 5.17 -28.43 -22.06
N VAL A 390 5.16 -29.75 -22.25
CA VAL A 390 4.39 -30.39 -23.33
C VAL A 390 2.89 -30.35 -23.03
N VAL A 391 2.14 -29.69 -23.90
CA VAL A 391 0.71 -29.58 -23.69
C VAL A 391 0.08 -30.88 -24.16
N TYR A 392 -0.44 -31.61 -23.20
CA TYR A 392 -0.87 -32.97 -23.39
C TYR A 392 -2.38 -33.11 -23.30
N ASN A 393 -2.95 -33.86 -24.22
CA ASN A 393 -4.38 -34.01 -24.30
C ASN A 393 -4.90 -35.20 -23.47
N GLU A 394 -5.50 -34.88 -22.34
CA GLU A 394 -6.02 -35.87 -21.38
C GLU A 394 -7.20 -36.67 -21.91
N THR A 395 -7.76 -36.21 -23.02
CA THR A 395 -8.92 -36.84 -23.64
C THR A 395 -8.50 -37.97 -24.60
N THR A 396 -7.58 -37.67 -25.51
CA THR A 396 -7.13 -38.60 -26.54
C THR A 396 -5.81 -39.26 -26.17
N ASN A 397 -5.24 -38.85 -25.03
CA ASN A 397 -3.92 -39.30 -24.56
C ASN A 397 -2.83 -39.20 -25.63
N LYS A 398 -2.65 -37.98 -26.13
CA LYS A 398 -1.67 -37.67 -27.16
C LYS A 398 -1.02 -36.32 -26.85
N PRO A 399 0.31 -36.20 -27.01
CA PRO A 399 0.88 -34.86 -26.93
C PRO A 399 0.48 -34.03 -28.15
N THR A 400 0.54 -32.72 -28.02
CA THR A 400 0.15 -31.79 -29.07
C THR A 400 1.37 -31.12 -29.66
N ASN A 401 1.16 -30.15 -30.56
CA ASN A 401 2.27 -29.35 -31.10
C ASN A 401 2.60 -28.13 -30.22
N TYR A 402 1.81 -27.93 -29.17
CA TYR A 402 1.96 -26.78 -28.26
C TYR A 402 2.81 -27.09 -27.05
N THR A 403 3.65 -26.14 -26.68
CA THR A 403 4.38 -26.19 -25.41
C THR A 403 4.21 -24.89 -24.60
N ILE A 404 4.32 -25.02 -23.27
CA ILE A 404 4.36 -23.86 -22.38
C ILE A 404 5.84 -23.64 -21.98
N ASN A 405 6.42 -22.47 -22.30
CA ASN A 405 7.79 -22.22 -21.87
C ASN A 405 7.83 -21.91 -20.37
N ASP A 406 9.02 -21.61 -19.84
CA ASP A 406 9.18 -21.35 -18.40
C ASP A 406 8.57 -20.01 -17.99
N LYS A 407 8.24 -19.18 -18.96
CA LYS A 407 7.48 -17.94 -18.72
C LYS A 407 5.96 -18.12 -18.80
N TYR A 408 5.50 -19.38 -18.91
CA TYR A 408 4.07 -19.70 -19.07
C TYR A 408 3.52 -19.13 -20.37
N GLU A 409 4.43 -18.89 -21.31
CA GLU A 409 4.09 -18.46 -22.64
C GLU A 409 3.80 -19.67 -23.54
N VAL A 410 2.80 -19.51 -24.41
CA VAL A 410 2.37 -20.54 -25.31
C VAL A 410 3.17 -20.49 -26.59
N LEU A 411 3.78 -21.63 -26.94
CA LEU A 411 4.48 -21.82 -28.20
C LEU A 411 3.79 -22.89 -29.02
N GLU A 412 3.71 -22.67 -30.33
CA GLU A 412 3.23 -23.73 -31.23
C GLU A 412 4.41 -24.17 -32.04
N GLY A 413 4.69 -25.47 -31.98
CA GLY A 413 5.84 -26.02 -32.68
C GLY A 413 7.04 -25.11 -32.52
N GLY A 414 7.30 -24.64 -31.30
CA GLY A 414 8.49 -23.84 -30.98
C GLY A 414 8.47 -22.37 -31.40
N LYS A 415 7.42 -21.98 -32.11
CA LYS A 415 7.21 -20.59 -32.52
C LYS A 415 6.37 -19.88 -31.44
N SER A 416 6.84 -18.72 -30.99
CA SER A 416 6.12 -17.89 -30.03
C SER A 416 4.78 -17.48 -30.59
N LEU A 417 3.73 -17.72 -29.81
CA LEU A 417 2.43 -17.13 -30.09
C LEU A 417 2.31 -15.82 -29.31
N THR A 418 1.55 -14.88 -29.87
CA THR A 418 1.36 -13.56 -29.28
C THR A 418 -0.14 -13.24 -29.14
N VAL A 419 -0.46 -12.30 -28.24
CA VAL A 419 -1.81 -11.74 -28.11
C VAL A 419 -1.70 -10.23 -28.22
N GLU A 420 -2.82 -9.55 -28.41
CA GLU A 420 -2.79 -8.07 -28.42
C GLU A 420 -3.03 -7.53 -27.01
N GLN A 421 -2.29 -6.49 -26.65
CA GLN A 421 -2.33 -5.95 -25.30
C GLN A 421 -3.55 -5.07 -25.11
N TYR A 422 -3.99 -4.89 -23.87
CA TYR A 422 -5.08 -3.97 -23.55
C TYR A 422 -4.57 -2.73 -22.84
N SER A 423 -5.18 -1.59 -23.14
CA SER A 423 -5.09 -0.39 -22.30
C SER A 423 -6.42 -0.06 -21.60
N VAL A 424 -6.34 0.78 -20.58
CA VAL A 424 -7.54 1.23 -19.86
C VAL A 424 -7.67 2.73 -19.98
N ASP A 425 -8.90 3.20 -20.06
CA ASP A 425 -9.14 4.63 -20.06
C ASP A 425 -10.54 4.87 -19.54
N PHE A 426 -10.72 6.07 -18.97
CA PHE A 426 -12.01 6.61 -18.58
C PHE A 426 -12.51 7.71 -19.54
N ASP A 427 -12.02 7.72 -20.79
CA ASP A 427 -12.34 8.82 -21.71
C ASP A 427 -13.84 8.96 -21.99
N SER A 428 -14.52 7.82 -22.13
CA SER A 428 -15.96 7.81 -22.38
C SER A 428 -16.83 8.04 -21.14
N GLY A 429 -16.24 8.35 -19.99
CA GLY A 429 -17.03 8.54 -18.75
C GLY A 429 -17.39 7.28 -17.97
N SER A 430 -16.84 6.14 -18.41
CA SER A 430 -16.80 4.92 -17.63
C SER A 430 -15.51 4.20 -18.01
N LEU A 431 -15.14 3.17 -17.26
CA LEU A 431 -13.93 2.42 -17.55
C LEU A 431 -14.06 1.62 -18.83
N ARG A 432 -13.15 1.86 -19.77
CA ARG A 432 -13.09 1.03 -20.96
C ARG A 432 -11.79 0.24 -20.96
N GLU A 433 -11.91 -1.04 -21.31
CA GLU A 433 -10.76 -1.91 -21.52
C GLU A 433 -10.82 -2.34 -22.98
N ARG A 434 -9.79 -1.96 -23.73
CA ARG A 434 -9.75 -2.16 -25.18
C ARG A 434 -8.36 -2.41 -25.72
N HIS A 435 -8.29 -3.21 -26.77
CA HIS A 435 -7.05 -3.52 -27.44
C HIS A 435 -6.29 -2.30 -27.94
N ASN A 436 -4.96 -2.29 -27.77
CA ASN A 436 -4.13 -1.11 -28.02
C ASN A 436 -3.11 -1.16 -29.17
N GLY A 437 -3.15 -2.23 -29.97
CA GLY A 437 -2.20 -2.40 -31.07
C GLY A 437 -0.91 -3.18 -30.82
N LYS A 438 -0.45 -3.27 -29.58
CA LYS A 438 0.87 -3.89 -29.31
C LYS A 438 0.71 -5.41 -29.09
N GLN A 439 1.58 -6.20 -29.75
CA GLN A 439 1.61 -7.64 -29.52
C GLN A 439 2.60 -7.96 -28.41
N VAL A 440 2.19 -8.83 -27.49
CA VAL A 440 3.02 -9.34 -26.40
C VAL A 440 2.95 -10.88 -26.45
N PRO A 441 4.01 -11.61 -25.99
CA PRO A 441 3.94 -13.07 -25.85
C PRO A 441 2.66 -13.53 -25.15
N MET A 442 2.02 -14.55 -25.74
CA MET A 442 0.77 -15.12 -25.24
C MET A 442 1.01 -16.04 -24.05
N ASN A 443 0.29 -15.80 -22.96
CA ASN A 443 0.56 -16.45 -21.68
C ASN A 443 -0.66 -17.15 -21.18
N VAL A 444 -0.51 -18.37 -20.64
CA VAL A 444 -1.68 -19.12 -20.10
C VAL A 444 -2.53 -18.40 -19.03
N PHE A 445 -2.00 -17.35 -18.41
CA PHE A 445 -2.76 -16.56 -17.42
C PHE A 445 -3.62 -15.44 -18.03
N TYR A 446 -3.48 -15.22 -19.34
CA TYR A 446 -4.15 -14.10 -19.99
C TYR A 446 -5.52 -14.48 -20.49
N LYS A 447 -6.33 -13.46 -20.72
CA LYS A 447 -7.68 -13.58 -21.22
C LYS A 447 -7.74 -13.98 -22.71
N ASP A 448 -6.85 -13.41 -23.53
CA ASP A 448 -6.81 -13.70 -24.96
C ASP A 448 -6.02 -14.94 -25.35
N SER A 449 -5.56 -15.73 -24.38
CA SER A 449 -4.78 -16.96 -24.66
C SER A 449 -5.66 -18.12 -25.22
N LEU A 450 -5.09 -18.85 -26.19
CA LEU A 450 -5.66 -20.07 -26.78
C LEU A 450 -5.83 -21.19 -25.77
N PHE A 451 -4.91 -21.24 -24.80
CA PHE A 451 -4.89 -22.20 -23.68
C PHE A 451 -4.88 -21.44 -22.36
N LYS A 452 -5.87 -21.68 -21.51
CA LYS A 452 -5.98 -20.89 -20.28
C LYS A 452 -5.93 -21.73 -19.00
N VAL A 453 -5.37 -21.15 -17.93
CA VAL A 453 -5.37 -21.81 -16.64
C VAL A 453 -6.75 -21.70 -15.96
N THR A 454 -7.01 -22.59 -15.01
CA THR A 454 -8.25 -22.59 -14.20
C THR A 454 -8.39 -21.24 -13.53
N PRO A 455 -9.61 -20.65 -13.58
CA PRO A 455 -9.81 -19.34 -12.97
C PRO A 455 -9.90 -19.49 -11.46
N THR A 456 -8.74 -19.69 -10.86
CA THR A 456 -8.57 -19.79 -9.42
C THR A 456 -7.26 -19.03 -8.99
N ASN A 457 -6.86 -19.19 -7.74
CA ASN A 457 -5.66 -18.50 -7.23
C ASN A 457 -4.47 -19.45 -7.03
N TYR A 458 -3.26 -18.94 -7.30
CA TYR A 458 -2.03 -19.71 -7.21
C TYR A 458 -1.04 -18.98 -6.33
N ILE A 459 0.06 -19.67 -5.97
CA ILE A 459 1.23 -19.03 -5.41
C ILE A 459 2.41 -19.29 -6.33
N ALA A 460 3.27 -18.28 -6.51
CA ALA A 460 4.51 -18.44 -7.23
C ALA A 460 5.69 -17.97 -6.39
N MET A 461 6.84 -18.56 -6.68
CA MET A 461 8.12 -18.04 -6.19
C MET A 461 9.02 -17.60 -7.33
N THR A 462 9.67 -16.48 -7.12
CA THR A 462 10.85 -16.13 -7.88
C THR A 462 12.08 -16.16 -6.98
N THR A 463 13.27 -16.19 -7.60
CA THR A 463 14.54 -16.10 -6.88
C THR A 463 15.52 -15.08 -7.51
N SER A 464 16.31 -14.47 -6.66
CA SER A 464 17.40 -13.61 -7.08
C SER A 464 18.71 -14.21 -6.59
N GLN A 465 19.75 -14.05 -7.39
CA GLN A 465 21.05 -14.60 -7.05
C GLN A 465 22.01 -13.42 -6.84
N ASN A 466 21.49 -12.21 -7.09
CA ASN A 466 22.22 -10.97 -6.84
C ASN A 466 21.51 -10.10 -5.81
N ARG A 467 20.74 -10.71 -4.91
CA ARG A 467 20.12 -9.97 -3.82
C ARG A 467 19.29 -8.80 -4.31
N GLY A 468 18.43 -9.04 -5.30
CA GLY A 468 17.42 -8.08 -5.72
C GLY A 468 17.73 -7.17 -6.92
N GLU A 469 18.86 -7.40 -7.60
CA GLU A 469 19.22 -6.67 -8.83
C GLU A 469 18.54 -7.23 -10.06
N SER A 470 18.31 -8.55 -10.05
CA SER A 470 17.41 -9.19 -10.99
C SER A 470 16.69 -10.35 -10.29
N TRP A 471 15.60 -10.81 -10.91
CA TRP A 471 14.74 -11.85 -10.41
C TRP A 471 14.48 -12.87 -11.51
N GLU A 472 14.65 -14.16 -11.21
CA GLU A 472 14.44 -15.21 -12.21
C GLU A 472 12.96 -15.30 -12.49
N GLN A 473 12.60 -15.81 -13.64
CA GLN A 473 11.21 -16.11 -13.98
C GLN A 473 10.46 -16.92 -12.88
N PHE A 474 9.30 -16.44 -12.46
CA PHE A 474 8.54 -17.09 -11.41
C PHE A 474 8.15 -18.48 -11.82
N LYS A 475 8.00 -19.35 -10.82
CA LYS A 475 7.43 -20.70 -11.02
C LYS A 475 6.28 -20.93 -10.06
N LEU A 476 5.23 -21.58 -10.58
CA LEU A 476 4.05 -21.90 -9.77
C LEU A 476 4.37 -22.97 -8.75
N LEU A 477 4.03 -22.71 -7.49
CA LEU A 477 4.11 -23.75 -6.46
C LEU A 477 3.03 -24.80 -6.73
N PRO A 478 3.32 -26.08 -6.40
CA PRO A 478 2.29 -27.11 -6.57
C PRO A 478 1.15 -26.91 -5.55
N PRO A 479 0.06 -27.67 -5.69
CA PRO A 479 -0.95 -27.51 -4.66
C PRO A 479 -0.60 -28.27 -3.38
N PHE A 480 -1.03 -27.72 -2.25
CA PHE A 480 -0.77 -28.31 -0.94
C PHE A 480 -1.99 -28.99 -0.27
N LEU A 481 -3.17 -28.80 -0.84
CA LEU A 481 -4.40 -29.28 -0.21
C LEU A 481 -5.33 -30.10 -1.13
N GLY A 482 -4.77 -30.75 -2.15
CA GLY A 482 -5.54 -31.60 -3.08
C GLY A 482 -6.07 -30.95 -4.36
N GLU A 483 -6.54 -31.80 -5.27
CA GLU A 483 -7.11 -31.39 -6.56
C GLU A 483 -8.37 -30.55 -6.45
N LYS A 484 -9.09 -30.69 -5.34
CA LYS A 484 -10.44 -30.15 -5.24
C LYS A 484 -10.52 -28.97 -4.23
N HIS A 485 -9.39 -28.28 -4.09
CA HIS A 485 -9.22 -27.11 -3.22
C HIS A 485 -8.34 -26.04 -3.88
N ASN A 486 -8.85 -24.81 -3.97
CA ASN A 486 -8.02 -23.66 -4.39
C ASN A 486 -6.85 -23.47 -3.44
N GLY A 487 -5.76 -22.94 -3.95
CA GLY A 487 -4.59 -22.73 -3.13
C GLY A 487 -4.81 -21.76 -1.99
N THR A 488 -3.94 -21.86 -1.01
CA THR A 488 -3.91 -20.95 0.10
C THR A 488 -3.53 -19.55 -0.37
N TYR A 489 -3.60 -18.61 0.57
CA TYR A 489 -3.22 -17.24 0.32
C TYR A 489 -1.97 -16.91 1.16
N LEU A 490 -0.95 -16.44 0.47
CA LEU A 490 0.28 -15.96 1.07
C LEU A 490 0.07 -14.83 2.06
N CYS A 491 0.75 -14.93 3.19
CA CYS A 491 0.75 -13.86 4.19
C CYS A 491 1.82 -12.81 3.81
N PRO A 492 1.38 -11.56 3.51
CA PRO A 492 2.31 -10.56 3.03
C PRO A 492 3.38 -10.28 4.08
N GLY A 493 4.59 -9.92 3.63
CA GLY A 493 5.67 -9.50 4.52
C GLY A 493 6.97 -10.28 4.36
N GLN A 494 7.36 -10.96 5.44
CA GLN A 494 8.55 -11.79 5.51
C GLN A 494 8.23 -13.30 5.67
N GLY A 495 9.07 -14.12 5.05
CA GLY A 495 9.17 -15.52 5.40
C GLY A 495 10.12 -15.67 6.58
N LEU A 496 10.15 -16.85 7.16
CA LEU A 496 11.08 -17.11 8.26
C LEU A 496 12.19 -18.06 7.86
N ALA A 497 13.41 -17.60 8.06
CA ALA A 497 14.57 -18.41 7.79
C ALA A 497 15.12 -18.78 9.15
N LEU A 498 14.89 -20.02 9.59
CA LEU A 498 15.33 -20.45 10.91
C LEU A 498 16.83 -20.27 11.06
N LYS A 499 17.25 -19.80 12.23
CA LYS A 499 18.61 -19.35 12.38
C LYS A 499 19.66 -20.45 12.46
N SER A 500 19.28 -21.62 12.97
CA SER A 500 20.25 -22.71 13.12
C SER A 500 19.90 -23.96 12.30
N SER A 501 19.21 -23.78 11.19
CA SER A 501 18.99 -24.87 10.23
C SER A 501 18.97 -24.34 8.80
N ASN A 502 18.54 -25.16 7.86
CA ASN A 502 18.34 -24.69 6.50
C ASN A 502 16.86 -24.54 6.20
N ARG A 503 16.05 -24.53 7.25
CA ARG A 503 14.60 -24.47 7.10
C ARG A 503 14.09 -23.08 6.74
N LEU A 504 13.34 -23.02 5.63
CA LEU A 504 12.61 -21.81 5.24
C LEU A 504 11.12 -22.03 5.49
N ILE A 505 10.44 -20.98 5.97
CA ILE A 505 9.00 -21.03 6.19
C ILE A 505 8.32 -19.77 5.66
N PHE A 506 7.30 -19.99 4.84
CA PHE A 506 6.35 -18.97 4.45
C PHE A 506 4.99 -19.39 4.97
N ALA A 507 4.42 -18.56 5.84
CA ALA A 507 3.07 -18.73 6.30
C ALA A 507 2.07 -18.36 5.20
N THR A 508 1.06 -19.20 5.02
CA THR A 508 -0.06 -18.89 4.16
C THR A 508 -1.34 -19.14 4.96
N TYR A 509 -2.44 -18.56 4.51
CA TYR A 509 -3.73 -18.85 5.13
C TYR A 509 -4.76 -19.37 4.13
N THR A 510 -5.64 -20.24 4.62
CA THR A 510 -6.84 -20.61 3.88
C THR A 510 -7.99 -20.64 4.87
N SER A 511 -9.14 -21.13 4.43
CA SER A 511 -10.35 -21.14 5.26
C SER A 511 -10.21 -22.16 6.36
N GLY A 512 -10.16 -21.67 7.60
CA GLY A 512 -10.18 -22.53 8.77
C GLY A 512 -8.83 -23.03 9.22
N GLU A 513 -7.77 -22.57 8.55
CA GLU A 513 -6.41 -22.92 8.98
C GLU A 513 -5.29 -22.00 8.53
N LEU A 514 -4.19 -22.03 9.28
CA LEU A 514 -2.91 -21.50 8.84
C LEU A 514 -2.16 -22.64 8.23
N THR A 515 -1.62 -22.43 7.04
CA THR A 515 -0.92 -23.45 6.30
C THR A 515 0.52 -23.02 6.02
N TYR A 516 1.45 -23.45 6.86
CA TYR A 516 2.85 -23.10 6.69
C TYR A 516 3.55 -23.92 5.59
N LEU A 517 4.17 -23.23 4.66
CA LEU A 517 4.98 -23.88 3.63
C LEU A 517 6.44 -23.92 4.10
N ILE A 518 7.02 -25.12 4.06
CA ILE A 518 8.30 -25.43 4.67
C ILE A 518 9.23 -26.05 3.65
N SER A 519 10.41 -25.46 3.50
CA SER A 519 11.45 -25.97 2.61
C SER A 519 12.73 -26.12 3.38
N ASP A 520 13.38 -27.29 3.24
CA ASP A 520 14.68 -27.55 3.87
C ASP A 520 15.76 -27.65 2.79
N ASP A 521 15.43 -27.21 1.59
CA ASP A 521 16.36 -27.30 0.45
C ASP A 521 16.36 -26.06 -0.46
N SER A 522 16.49 -24.87 0.16
CA SER A 522 16.65 -23.61 -0.57
C SER A 522 15.50 -23.30 -1.54
N GLY A 523 14.31 -23.79 -1.24
CA GLY A 523 13.16 -23.50 -2.08
C GLY A 523 12.80 -24.52 -3.14
N GLN A 524 13.68 -25.48 -3.41
CA GLN A 524 13.39 -26.57 -4.37
C GLN A 524 12.10 -27.37 -4.09
N THR A 525 11.96 -27.89 -2.86
CA THR A 525 10.75 -28.61 -2.50
C THR A 525 10.04 -27.94 -1.32
N TRP A 526 8.73 -28.15 -1.28
CA TRP A 526 7.87 -27.61 -0.24
C TRP A 526 6.90 -28.64 0.27
N LYS A 527 6.68 -28.63 1.58
CA LYS A 527 5.64 -29.44 2.21
C LYS A 527 4.80 -28.51 3.07
N LYS A 528 3.60 -28.92 3.44
CA LYS A 528 2.74 -28.08 4.25
C LYS A 528 2.80 -28.51 5.72
N SER A 529 2.61 -27.56 6.63
CA SER A 529 2.33 -27.86 8.03
C SER A 529 1.13 -27.05 8.46
N SER A 530 0.02 -27.75 8.68
CA SER A 530 -1.28 -27.16 8.97
C SER A 530 -1.43 -26.80 10.43
N ALA A 531 -2.12 -25.69 10.68
CA ALA A 531 -2.53 -25.30 12.01
C ALA A 531 -3.98 -24.79 12.00
N SER A 532 -4.89 -25.55 12.61
CA SER A 532 -6.27 -25.15 12.73
C SER A 532 -6.44 -23.86 13.51
N ILE A 533 -7.25 -22.98 12.96
CA ILE A 533 -7.59 -21.77 13.68
C ILE A 533 -9.08 -21.80 14.04
N PRO A 534 -9.43 -21.31 15.26
CA PRO A 534 -10.83 -21.29 15.69
C PRO A 534 -11.65 -20.14 15.07
N PHE A 535 -11.45 -19.90 13.77
CA PHE A 535 -12.25 -18.92 13.04
C PHE A 535 -12.65 -19.54 11.71
N LYS A 536 -13.90 -19.29 11.31
CA LYS A 536 -14.30 -19.54 9.93
C LYS A 536 -14.11 -18.24 9.16
N ASN A 537 -13.69 -18.37 7.90
CA ASN A 537 -13.44 -17.21 7.02
C ASN A 537 -12.62 -16.05 7.64
N ALA A 538 -11.48 -16.44 8.21
CA ALA A 538 -10.49 -15.49 8.65
C ALA A 538 -9.56 -15.10 7.48
N THR A 539 -9.12 -13.86 7.51
CA THR A 539 -7.99 -13.42 6.72
C THR A 539 -6.82 -13.47 7.69
N ALA A 540 -6.34 -14.68 7.98
CA ALA A 540 -5.39 -14.90 9.08
C ALA A 540 -3.97 -14.62 8.63
N GLU A 541 -3.74 -13.37 8.24
CA GLU A 541 -2.45 -12.88 7.78
C GLU A 541 -1.43 -13.00 8.92
N ALA A 542 -0.41 -13.82 8.69
CA ALA A 542 0.47 -14.31 9.74
C ALA A 542 1.94 -13.95 9.53
N GLN A 543 2.60 -13.51 10.59
CA GLN A 543 4.04 -13.26 10.57
C GLN A 543 4.72 -13.88 11.78
N MET A 544 5.94 -14.40 11.56
CA MET A 544 6.63 -15.27 12.50
C MET A 544 7.93 -14.67 13.04
N VAL A 545 8.23 -15.02 14.30
CA VAL A 545 9.49 -14.71 14.97
C VAL A 545 10.04 -16.00 15.60
N GLU A 546 11.36 -16.17 15.56
CA GLU A 546 12.00 -17.29 16.19
C GLU A 546 12.55 -16.82 17.52
N LEU A 547 11.82 -17.16 18.59
CA LEU A 547 12.12 -16.68 19.97
C LEU A 547 13.45 -17.22 20.53
N ARG A 548 13.76 -18.47 20.19
CA ARG A 548 15.04 -19.13 20.45
C ARG A 548 15.07 -20.28 19.45
N ASP A 549 16.22 -20.94 19.23
CA ASP A 549 16.31 -22.00 18.19
C ASP A 549 15.16 -23.05 18.27
N GLY A 550 14.41 -23.18 17.18
CA GLY A 550 13.34 -24.17 17.10
C GLY A 550 12.01 -23.67 17.63
N VAL A 551 12.03 -22.57 18.39
CA VAL A 551 10.81 -21.99 18.95
C VAL A 551 10.30 -20.81 18.14
N ILE A 552 9.21 -21.06 17.43
CA ILE A 552 8.54 -20.05 16.61
C ILE A 552 7.22 -19.57 17.21
N ARG A 553 7.09 -18.26 17.37
CA ARG A 553 5.77 -17.66 17.64
C ARG A 553 5.28 -16.95 16.40
N THR A 554 4.07 -17.32 15.99
CA THR A 554 3.37 -16.68 14.89
C THR A 554 2.34 -15.69 15.46
N PHE A 555 2.40 -14.45 14.97
CA PHE A 555 1.31 -13.48 15.24
C PHE A 555 0.43 -13.36 14.00
N PHE A 556 -0.87 -13.27 14.21
CA PHE A 556 -1.80 -13.14 13.09
C PHE A 556 -3.08 -12.39 13.38
N ARG A 557 -3.66 -11.89 12.29
CA ARG A 557 -4.96 -11.22 12.20
C ARG A 557 -6.13 -12.20 12.32
N THR A 558 -7.16 -11.77 13.01
CA THR A 558 -8.35 -12.60 13.22
C THR A 558 -9.63 -11.76 13.02
N THR A 559 -10.78 -12.36 13.33
CA THR A 559 -12.06 -11.68 13.21
C THR A 559 -12.68 -11.28 14.59
N THR A 560 -11.84 -11.35 15.63
CA THR A 560 -12.25 -11.20 17.04
C THR A 560 -12.01 -9.81 17.61
N GLY A 561 -11.41 -8.93 16.79
CA GLY A 561 -10.94 -7.63 17.23
C GLY A 561 -9.63 -7.71 18.01
N LYS A 562 -8.99 -8.88 17.98
CA LYS A 562 -7.71 -9.08 18.70
C LYS A 562 -6.69 -9.84 17.85
N ILE A 563 -5.42 -9.56 18.09
CA ILE A 563 -4.36 -10.29 17.40
C ILE A 563 -4.16 -11.65 18.08
N ALA A 564 -4.04 -12.70 17.28
CA ALA A 564 -3.82 -14.04 17.81
C ALA A 564 -2.36 -14.45 17.71
N TYR A 565 -2.03 -15.58 18.33
CA TYR A 565 -0.72 -16.20 18.17
C TYR A 565 -0.72 -17.66 18.57
N MET A 566 0.24 -18.38 18.00
CA MET A 566 0.47 -19.77 18.33
C MET A 566 1.98 -20.03 18.34
N THR A 567 2.40 -21.18 18.85
CA THR A 567 3.82 -21.51 18.98
C THR A 567 4.14 -22.93 18.51
N SER A 568 5.10 -23.02 17.60
CA SER A 568 5.79 -24.30 17.37
C SER A 568 7.09 -24.39 18.16
N ARG A 569 7.36 -25.56 18.71
CA ARG A 569 8.63 -25.79 19.39
C ARG A 569 9.37 -26.83 18.55
N ASP A 570 8.81 -27.00 17.36
CA ASP A 570 9.03 -28.14 16.50
C ASP A 570 9.84 -27.71 15.29
N SER A 571 10.29 -26.47 15.31
CA SER A 571 10.75 -25.78 14.09
C SER A 571 9.67 -25.79 13.00
N GLY A 572 8.40 -25.71 13.39
CA GLY A 572 7.28 -25.62 12.46
C GLY A 572 6.52 -26.90 12.12
N GLU A 573 6.94 -28.03 12.67
CA GLU A 573 6.26 -29.31 12.44
C GLU A 573 4.86 -29.35 13.09
N THR A 574 4.78 -28.96 14.37
CA THR A 574 3.48 -28.90 15.04
C THR A 574 3.24 -27.53 15.67
N TRP A 575 1.97 -27.18 15.85
CA TRP A 575 1.59 -25.89 16.36
C TRP A 575 0.62 -26.02 17.50
N SER A 576 0.68 -25.05 18.41
CA SER A 576 -0.11 -24.98 19.61
C SER A 576 -1.52 -24.53 19.30
N LYS A 577 -2.35 -24.51 20.32
CA LYS A 577 -3.64 -23.84 20.21
C LYS A 577 -3.45 -22.32 20.15
N VAL A 578 -4.53 -21.59 19.90
CA VAL A 578 -4.48 -20.15 19.67
C VAL A 578 -4.66 -19.31 20.95
N SER A 579 -3.82 -18.31 21.15
CA SER A 579 -4.05 -17.33 22.21
C SER A 579 -4.16 -15.93 21.61
N TYR A 580 -4.43 -14.93 22.45
CA TYR A 580 -4.68 -13.56 22.00
C TYR A 580 -3.84 -12.52 22.76
N ILE A 581 -3.54 -11.42 22.08
CA ILE A 581 -2.79 -10.34 22.68
C ILE A 581 -3.78 -9.32 23.26
N ASP A 582 -3.58 -9.00 24.54
CA ASP A 582 -4.30 -7.91 25.20
C ASP A 582 -3.42 -6.67 25.18
N GLY A 583 -4.05 -5.50 25.21
CA GLY A 583 -3.30 -4.23 25.11
C GLY A 583 -3.24 -3.66 23.70
N ILE A 584 -3.51 -4.49 22.70
CA ILE A 584 -3.70 -3.98 21.34
C ILE A 584 -5.10 -4.30 20.82
N GLN A 585 -5.76 -3.29 20.27
CA GLN A 585 -7.06 -3.51 19.63
C GLN A 585 -6.96 -3.50 18.12
N GLN A 586 -7.70 -4.40 17.49
CA GLN A 586 -7.94 -4.29 16.05
C GLN A 586 -9.43 -4.15 15.82
N THR A 587 -9.79 -3.65 14.65
CA THR A 587 -11.16 -3.66 14.20
C THR A 587 -11.57 -5.11 13.98
N SER A 588 -12.87 -5.34 13.82
CA SER A 588 -13.45 -6.66 13.58
C SER A 588 -12.93 -7.36 12.33
N TYR A 589 -12.65 -6.61 11.28
CA TYR A 589 -12.17 -7.23 10.04
C TYR A 589 -10.67 -7.44 10.09
N GLY A 590 -10.01 -6.58 10.89
CA GLY A 590 -8.58 -6.67 11.11
C GLY A 590 -7.67 -6.10 10.04
N THR A 591 -6.38 -6.13 10.35
CA THR A 591 -5.32 -5.64 9.48
C THR A 591 -4.12 -6.59 9.61
N GLN A 592 -3.34 -6.66 8.55
CA GLN A 592 -2.07 -7.34 8.57
C GLN A 592 -1.16 -6.79 9.68
N VAL A 593 -0.49 -7.71 10.37
CA VAL A 593 0.46 -7.43 11.43
C VAL A 593 1.85 -7.87 10.99
N SER A 594 2.85 -7.03 11.21
CA SER A 594 4.23 -7.42 10.96
C SER A 594 4.99 -7.49 12.29
N ALA A 595 5.94 -8.42 12.39
CA ALA A 595 6.67 -8.68 13.66
C ALA A 595 8.09 -9.15 13.41
N ILE A 596 9.05 -8.66 14.21
CA ILE A 596 10.45 -9.09 14.09
C ILE A 596 11.06 -9.43 15.44
N LYS A 597 12.08 -10.27 15.43
CA LYS A 597 12.85 -10.61 16.63
C LYS A 597 14.08 -9.70 16.64
N TYR A 598 14.11 -8.73 17.57
CA TYR A 598 15.18 -7.73 17.59
C TYR A 598 16.51 -8.39 18.01
N SER A 599 17.60 -8.04 17.33
CA SER A 599 18.89 -8.72 17.53
C SER A 599 19.50 -8.41 18.87
N GLN A 600 19.19 -7.22 19.41
CA GLN A 600 19.80 -6.71 20.63
C GLN A 600 18.87 -6.84 21.82
N LEU A 601 19.42 -6.75 23.01
CA LEU A 601 18.63 -6.83 24.22
C LEU A 601 18.11 -5.46 24.62
N ILE A 602 16.91 -5.47 25.17
CA ILE A 602 16.27 -4.26 25.66
C ILE A 602 15.96 -4.55 27.13
N ASP A 603 16.41 -3.65 28.02
CA ASP A 603 16.24 -3.84 29.46
C ASP A 603 16.70 -5.24 29.94
N GLY A 604 17.75 -5.76 29.31
CA GLY A 604 18.32 -7.04 29.66
C GLY A 604 17.61 -8.26 29.09
N LYS A 605 16.44 -8.05 28.47
CA LYS A 605 15.68 -9.18 27.93
C LYS A 605 15.79 -9.24 26.43
N GLU A 606 15.62 -10.45 25.89
CA GLU A 606 15.31 -10.63 24.47
C GLU A 606 14.03 -9.86 24.14
N ALA A 607 13.94 -9.30 22.92
CA ALA A 607 12.86 -8.40 22.53
C ALA A 607 12.18 -8.78 21.24
N VAL A 608 10.84 -8.69 21.22
CA VAL A 608 10.06 -8.82 19.97
C VAL A 608 9.40 -7.49 19.61
N ILE A 609 9.52 -7.07 18.36
CA ILE A 609 8.83 -5.85 17.89
C ILE A 609 7.66 -6.19 16.96
N LEU A 610 6.54 -5.47 17.13
CA LEU A 610 5.30 -5.77 16.46
C LEU A 610 4.75 -4.44 15.93
N SER A 611 4.16 -4.45 14.74
CA SER A 611 3.69 -3.25 14.04
C SER A 611 2.27 -3.53 13.58
N THR A 612 1.37 -2.62 13.94
CA THR A 612 -0.06 -2.81 13.75
C THR A 612 -0.77 -1.47 13.98
N PRO A 613 -1.97 -1.27 13.38
CA PRO A 613 -2.85 -0.24 13.92
C PRO A 613 -3.35 -0.65 15.32
N ASN A 614 -3.51 0.33 16.20
CA ASN A 614 -4.10 0.08 17.49
C ASN A 614 -5.33 0.93 17.59
N SER A 615 -6.45 0.38 17.14
CA SER A 615 -7.73 1.12 17.12
C SER A 615 -8.87 0.13 16.90
N ARG A 616 -10.02 0.43 17.48
CA ARG A 616 -11.18 -0.39 17.17
C ARG A 616 -12.11 0.34 16.20
N SER A 617 -11.67 1.53 15.77
CA SER A 617 -12.45 2.45 14.91
C SER A 617 -12.08 2.45 13.43
N GLY A 618 -10.93 1.87 13.10
CA GLY A 618 -10.42 1.89 11.74
C GLY A 618 -9.00 1.38 11.66
N ARG A 619 -8.42 1.44 10.46
CA ARG A 619 -6.99 1.19 10.30
C ARG A 619 -6.27 2.52 10.50
N LYS A 620 -6.00 2.82 11.76
CA LYS A 620 -5.37 4.07 12.17
C LYS A 620 -4.77 3.86 13.55
N GLY A 621 -4.04 4.85 14.07
CA GLY A 621 -3.41 4.77 15.38
C GLY A 621 -2.37 3.69 15.37
N GLY A 622 -1.44 3.76 14.40
CA GLY A 622 -0.38 2.78 14.23
C GLY A 622 0.66 2.82 15.32
N GLN A 623 1.11 1.64 15.71
CA GLN A 623 2.12 1.51 16.76
C GLN A 623 3.12 0.43 16.40
N LEU A 624 4.37 0.69 16.73
CA LEU A 624 5.34 -0.38 16.99
C LEU A 624 5.25 -0.65 18.50
N VAL A 625 4.91 -1.89 18.86
CA VAL A 625 4.79 -2.32 20.25
C VAL A 625 5.97 -3.23 20.54
N VAL A 626 6.62 -3.03 21.69
CA VAL A 626 7.87 -3.72 22.03
C VAL A 626 7.61 -4.74 23.14
N GLY A 627 7.87 -6.00 22.79
CA GLY A 627 7.63 -7.09 23.70
C GLY A 627 8.91 -7.72 24.18
N LEU A 628 9.06 -7.75 25.50
CA LEU A 628 10.20 -8.42 26.10
C LEU A 628 9.88 -9.90 26.43
N VAL A 629 10.66 -10.83 25.87
CA VAL A 629 10.41 -12.26 26.11
C VAL A 629 10.87 -12.64 27.52
N ASN A 630 9.94 -13.12 28.34
CA ASN A 630 10.30 -13.80 29.59
C ASN A 630 11.05 -15.09 29.28
N LYS A 631 12.29 -15.20 29.77
CA LYS A 631 13.19 -16.27 29.36
C LYS A 631 12.83 -17.61 29.97
N GLU A 632 11.93 -17.60 30.95
CA GLU A 632 11.51 -18.83 31.63
C GLU A 632 10.40 -19.55 30.86
N ASP A 633 9.28 -18.86 30.60
CA ASP A 633 8.11 -19.50 29.98
C ASP A 633 7.86 -19.14 28.50
N ASP A 634 8.68 -18.24 27.94
CA ASP A 634 8.54 -17.80 26.54
C ASP A 634 7.40 -16.77 26.32
N SER A 635 6.67 -16.43 27.40
CA SER A 635 5.64 -15.40 27.36
C SER A 635 6.27 -14.03 27.07
N ILE A 636 5.44 -13.07 26.64
CA ILE A 636 5.91 -11.74 26.22
C ILE A 636 5.21 -10.64 27.04
N ASP A 637 6.02 -9.70 27.55
CA ASP A 637 5.50 -8.52 28.23
C ASP A 637 5.63 -7.38 27.25
N TRP A 638 4.48 -6.96 26.70
CA TRP A 638 4.39 -5.90 25.70
C TRP A 638 4.48 -4.65 26.47
N LYS A 639 5.68 -4.08 26.51
CA LYS A 639 6.05 -3.16 27.57
C LYS A 639 6.06 -1.73 27.15
N TYR A 640 6.35 -1.48 25.89
CA TYR A 640 6.30 -0.14 25.33
C TYR A 640 5.42 -0.12 24.10
N HIS A 641 4.61 0.92 23.97
CA HIS A 641 3.80 1.11 22.76
C HIS A 641 4.26 2.39 22.12
N TYR A 642 4.93 2.31 20.98
CA TYR A 642 5.26 3.53 20.26
C TYR A 642 4.23 3.93 19.21
N ASP A 643 3.79 5.16 19.37
CA ASP A 643 2.89 5.91 18.51
C ASP A 643 3.48 6.43 17.18
N ILE A 644 3.25 5.76 16.04
CA ILE A 644 3.82 6.20 14.73
C ILE A 644 3.33 7.61 14.28
N ASP A 645 2.05 7.87 14.50
CA ASP A 645 1.46 9.17 14.23
C ASP A 645 0.22 9.27 15.13
N LEU A 646 -0.63 10.27 14.90
CA LEU A 646 -1.76 10.51 15.79
C LEU A 646 -2.71 9.33 15.77
N PRO A 647 -3.31 9.00 16.91
CA PRO A 647 -4.28 7.92 16.99
C PRO A 647 -5.35 7.97 15.89
N SER A 648 -5.65 9.17 15.39
CA SER A 648 -6.69 9.36 14.39
C SER A 648 -6.19 9.28 12.94
N TYR A 649 -4.86 9.17 12.76
CA TYR A 649 -4.26 9.23 11.43
C TYR A 649 -3.99 7.81 10.93
N GLY A 650 -4.36 7.58 9.66
CA GLY A 650 -4.31 6.25 9.05
C GLY A 650 -3.01 5.47 9.15
N TYR A 651 -3.16 4.18 9.42
CA TYR A 651 -2.07 3.22 9.43
C TYR A 651 -2.69 1.86 9.15
N ALA A 652 -2.16 1.16 8.15
CA ALA A 652 -2.72 -0.11 7.72
C ALA A 652 -1.60 -1.17 7.63
N TYR A 653 -1.43 -1.80 6.46
CA TYR A 653 -0.43 -2.85 6.30
C TYR A 653 0.96 -2.28 6.52
N SER A 654 1.87 -3.08 7.05
CA SER A 654 3.15 -2.55 7.46
C SER A 654 4.24 -3.59 7.35
N ALA A 655 5.44 -3.10 7.13
CA ALA A 655 6.59 -3.92 6.95
C ALA A 655 7.56 -3.34 7.92
N ILE A 656 8.17 -4.18 8.75
CA ILE A 656 9.31 -3.71 9.56
C ILE A 656 10.54 -4.61 9.45
N THR A 657 11.68 -4.03 9.77
CA THR A 657 12.93 -4.75 9.72
C THR A 657 13.93 -4.03 10.58
N GLU A 658 14.86 -4.80 11.13
CA GLU A 658 16.02 -4.24 11.81
C GLU A 658 17.04 -3.97 10.73
N LEU A 659 17.41 -2.71 10.59
CA LEU A 659 18.48 -2.32 9.68
C LEU A 659 19.86 -2.70 10.26
N PRO A 660 20.88 -2.93 9.39
CA PRO A 660 22.21 -3.30 9.90
C PRO A 660 22.77 -2.50 11.08
N ASN A 661 22.37 -1.24 11.21
CA ASN A 661 22.83 -0.39 12.31
C ASN A 661 21.95 -0.46 13.56
N HIS A 662 21.05 -1.43 13.61
CA HIS A 662 20.08 -1.64 14.70
C HIS A 662 18.95 -0.61 14.76
N HIS A 663 18.76 0.15 13.69
CA HIS A 663 17.63 1.03 13.60
C HIS A 663 16.51 0.14 13.13
N ILE A 664 15.28 0.68 13.21
CA ILE A 664 14.12 -0.01 12.69
C ILE A 664 13.64 0.77 11.48
N GLY A 665 13.45 0.08 10.37
CA GLY A 665 12.82 0.66 9.19
C GLY A 665 11.34 0.27 9.18
N VAL A 666 10.48 1.25 8.97
CA VAL A 666 9.04 1.00 8.78
C VAL A 666 8.61 1.46 7.39
N LEU A 667 8.02 0.54 6.62
CA LEU A 667 7.31 0.87 5.38
C LEU A 667 5.85 0.42 5.58
N PHE A 668 4.94 1.38 5.56
CA PHE A 668 3.58 1.16 6.00
C PHE A 668 2.70 1.99 5.12
N GLU A 669 1.43 1.58 5.04
CA GLU A 669 0.43 2.34 4.34
C GLU A 669 -0.08 3.40 5.29
N LYS A 670 0.24 4.66 5.01
CA LYS A 670 -0.22 5.75 5.87
C LYS A 670 -1.65 6.24 5.52
N TYR A 671 -2.63 5.31 5.60
CA TYR A 671 -4.03 5.60 5.29
C TYR A 671 -4.93 4.43 5.66
N ASP A 672 -6.23 4.64 5.72
CA ASP A 672 -7.10 3.53 6.01
C ASP A 672 -7.45 2.79 4.71
N SER A 673 -6.76 1.65 4.48
CA SER A 673 -6.87 0.90 3.21
C SER A 673 -8.06 -0.02 3.16
N TRP A 674 -8.95 0.12 4.15
CA TRP A 674 -10.22 -0.60 4.21
C TRP A 674 -11.35 0.33 3.84
N SER A 675 -11.23 1.60 4.27
CA SER A 675 -12.28 2.58 4.09
C SER A 675 -12.59 2.82 2.63
N ARG A 676 -13.87 2.87 2.31
CA ARG A 676 -14.34 3.15 0.96
C ARG A 676 -14.24 4.64 0.65
N ASN A 677 -13.89 5.42 1.67
CA ASN A 677 -13.65 6.84 1.51
C ASN A 677 -12.19 7.20 1.16
N GLU A 678 -11.25 6.34 1.54
CA GLU A 678 -9.83 6.62 1.27
C GLU A 678 -9.25 5.75 0.15
N LEU A 679 -10.08 5.39 -0.84
CA LEU A 679 -9.59 4.58 -1.94
C LEU A 679 -8.72 5.45 -2.83
N HIS A 680 -7.74 4.84 -3.49
CA HIS A 680 -7.03 5.42 -4.64
C HIS A 680 -6.24 6.70 -4.33
N LEU A 681 -5.43 6.65 -3.27
CA LEU A 681 -4.57 7.76 -2.91
C LEU A 681 -3.12 7.45 -3.33
N SER A 682 -2.45 8.42 -3.94
CA SER A 682 -1.08 8.21 -4.36
C SER A 682 -0.09 8.59 -3.27
N ASN A 683 1.00 7.82 -3.17
CA ASN A 683 2.12 8.10 -2.28
C ASN A 683 1.74 8.19 -0.81
N VAL A 684 1.03 7.16 -0.34
CA VAL A 684 0.63 7.03 1.07
C VAL A 684 1.40 5.89 1.76
N VAL A 685 1.89 4.93 0.97
CA VAL A 685 2.90 3.97 1.41
C VAL A 685 4.27 4.68 1.53
N GLN A 686 4.67 4.89 2.78
CA GLN A 686 5.86 5.68 3.12
C GLN A 686 6.85 4.94 4.04
N TYR A 687 8.14 5.29 3.89
CA TYR A 687 9.26 4.81 4.74
C TYR A 687 9.71 5.78 5.87
N ILE A 688 9.83 5.27 7.11
CA ILE A 688 10.49 6.03 8.22
C ILE A 688 11.57 5.22 8.96
N ASP A 689 12.43 5.94 9.70
CA ASP A 689 13.54 5.32 10.41
C ASP A 689 13.42 5.61 11.93
N LEU A 690 13.49 4.55 12.72
CA LEU A 690 13.32 4.67 14.14
C LEU A 690 14.49 4.00 14.85
N GLU A 691 14.81 4.49 16.03
CA GLU A 691 15.82 3.87 16.87
C GLU A 691 15.11 3.34 18.11
N ILE A 692 15.73 2.38 18.80
CA ILE A 692 15.07 1.77 19.95
C ILE A 692 14.73 2.85 20.98
N ASN A 693 15.67 3.74 21.24
CA ASN A 693 15.43 4.87 22.13
C ASN A 693 14.11 5.61 21.86
N ASP A 694 13.68 5.66 20.60
CA ASP A 694 12.47 6.39 20.23
C ASP A 694 11.19 5.69 20.69
N LEU A 695 11.20 4.36 20.69
CA LEU A 695 10.07 3.52 21.08
C LEU A 695 9.88 3.37 22.61
N THR A 696 10.97 3.47 23.38
CA THR A 696 10.98 3.17 24.82
C THR A 696 10.97 4.37 25.78
C1 DAN B . -6.92 -5.72 3.01
C2 DAN B . -6.53 -6.78 2.07
C3 DAN B . -5.39 -6.77 1.34
C4 DAN B . -4.98 -7.93 0.42
C5 DAN B . -6.15 -8.84 0.04
C6 DAN B . -6.93 -9.10 1.34
C7 DAN B . -8.12 -10.01 1.11
C8 DAN B . -8.93 -10.40 2.34
C9 DAN B . -9.79 -9.26 2.91
C10 DAN B . -6.11 -10.77 -1.60
C11 DAN B . -5.39 -12.03 -1.95
N5 DAN B . -5.67 -10.13 -0.48
O1A DAN B . -6.61 -4.51 2.92
O1B DAN B . -7.60 -6.08 3.99
O4 DAN B . -4.08 -7.50 -0.65
O6 DAN B . -7.44 -7.90 1.94
O7 DAN B . -8.96 -9.43 0.10
O8 DAN B . -9.79 -11.46 1.91
O9 DAN B . -9.15 -8.54 3.97
O10 DAN B . -7.01 -10.38 -2.33
C1 GOL C . -19.98 3.57 -0.57
O1 GOL C . -19.04 3.19 -1.56
C2 GOL C . -19.52 4.69 0.38
O2 GOL C . -18.11 4.86 0.36
C3 GOL C . -20.15 6.02 0.04
O3 GOL C . -21.51 5.84 -0.30
#